data_8HJ4
#
_entry.id   8HJ4
#
_cell.length_a   1.00
_cell.length_b   1.00
_cell.length_c   1.00
_cell.angle_alpha   90.00
_cell.angle_beta   90.00
_cell.angle_gamma   90.00
#
_symmetry.space_group_name_H-M   'P 1'
#
loop_
_entity.id
_entity.type
_entity.pdbx_description
1 polymer 'CRISPR-associated endonuclease Cas9'
2 polymer sgRNA
3 polymer 'Phage protein'
#
loop_
_entity_poly.entity_id
_entity_poly.type
_entity_poly.pdbx_seq_one_letter_code
_entity_poly.pdbx_strand_id
1 'polypeptide(L)'
;SMAAFKPNSINYILGLDIGIASVGWAMVEIDEEENPIRLIDLGVRVFERAEVPKTGDSLAMARRLARSVRRLTRRRAHRL
LRTRRLLKREGVLQAANFDENGLIKSLPNTPWQLRAAALDRKLTPLEWSAVLLHLIKHRGYLSQRKNEGETADKELGALL
KGVAGNAHALQTGDFRTPAELALNKFEKESGHIRNQRSDYSHTFSRKDLQAELILLFEKQKEFGNPHVSGGLKEGIETLL
MTQRPALSGDAVQKMLGHCTFEPAEPKAAKNTYTAERFIWLTKLNNLRILEQGSERPLTDTERATLMDEPYRKSKLTYAQ
ARKLLGLEDTAFFKGLRYGKDNAEASTLMEMKAYHAISRALEKEGLKDKKSPLNLSPELQDEIGTAFSLFKTDEDITGRL
KDRIQPEILEALLKHISFDKFVQISLKALRRIVPLMEQGKRYDEACAEIYGDHYGKKNTEEKIYLPPIPADEIRNPVVLR
ALSQARKVINGVVRRYGSPARIHIETAREVGKSFKDRKEIEKRQEENRKDREKAAAKFREYFPNFVGEPKSKDILKLRLY
EQQHGKCLYSGKEINLGRLNEKGYVEIDHALPFSRTWDDSFNNKVLVLGSENQNKGNQTPYEYFNGKDNSREWQEFKARV
ETSRFPRSKKQRILLQKFDEDGFKERNLNDTRYVNRFLCQFVADRMRLTGKGKKRVFASNGQITNLLRGFWGLRKVRAEN
DRHHALDAVVVACSTVAMQQKITRFVRYKEMNAFDGKTIDKETGEVLHQKTHFPQPWEFFAQEVMIRVFGKPDGKPEFEE
ADTLEKLRTLLAEKLSSRPEAVHEYVTPLFVSRAPNRKMSGQGHMETVKSAKRLDEGVSVLRVPLTQLKLKDLEKMVNRE
REPKLYEALKARLEAHKDDPAKAFAEPFYKYDKAGNRTQQVKAVRVEQVQKTGVWVRNHNGIADNATMVRVDVFEKGDKY
YLVPIYSWQVAKGILPDRAVVQGKDEEDWQLIDDSFNFKFSLHPNDLVEVITKKARMFGYFASCHRGTGNINIRIHDLDH
KIGKNGILEGIGVKTALSFQKYQIDELGKEIRPCRLKKRPPVR
;
A
2 'polyribonucleotide'
;GGUCACUCUGCUAUUUAACUUUACGUUGUAGCUCCCUUUCUCGAAAGAGAACCGUUGCUACAAUAAGGCCGUCUGAAAAG
AUGUGCCGCAACGCUCUGCCCCUUAAAGCUCCUGCUUUAAGGGGCAUCGUUUAUC
;
B
3 'polypeptide(L)'
;SMNNSIKFHVSYDGTARALFNTKEQAEKYCLVEEINDEMNGYKRKSWEEKLREENCASVQDWVEKNYTSSYSDLFNICEI
EVSSAGQLVKIDNTEVDDFVENCYGFTLEDDLEEFNKAKQYLQKFYAECEN
;
C
#
# COMPACT_ATOMS: atom_id res chain seq x y z
N SER A 9 -30.80 -16.29 21.44
CA SER A 9 -31.91 -17.23 21.60
C SER A 9 -32.51 -17.59 20.24
N ILE A 10 -31.84 -17.19 19.18
CA ILE A 10 -32.29 -17.47 17.81
C ILE A 10 -31.15 -18.13 17.05
N ASN A 11 -31.45 -19.25 16.42
CA ASN A 11 -30.47 -19.94 15.58
C ASN A 11 -30.22 -19.12 14.32
N TYR A 12 -28.96 -18.87 14.01
CA TYR A 12 -28.63 -18.10 12.82
C TYR A 12 -27.21 -18.39 12.38
N ILE A 13 -26.90 -18.00 11.15
CA ILE A 13 -25.57 -18.14 10.58
C ILE A 13 -25.07 -16.76 10.16
N LEU A 14 -23.81 -16.48 10.45
CA LEU A 14 -23.19 -15.19 10.14
C LEU A 14 -22.24 -15.34 8.96
N GLY A 15 -22.38 -14.44 7.98
CA GLY A 15 -21.45 -14.37 6.88
C GLY A 15 -20.60 -13.12 6.95
N LEU A 16 -19.50 -13.07 6.19
CA LEU A 16 -18.63 -11.91 6.22
C LEU A 16 -18.05 -11.68 4.83
N ASP A 17 -17.60 -10.46 4.59
CA ASP A 17 -17.03 -10.04 3.31
C ASP A 17 -15.75 -9.26 3.54
N ILE A 18 -14.86 -9.84 4.35
CA ILE A 18 -13.63 -9.16 4.75
C ILE A 18 -12.89 -8.66 3.52
N GLY A 19 -12.51 -7.38 3.55
CA GLY A 19 -11.73 -6.78 2.49
C GLY A 19 -10.56 -6.00 3.06
N ILE A 20 -9.86 -5.32 2.17
CA ILE A 20 -8.75 -4.47 2.61
C ILE A 20 -9.28 -3.25 3.36
N ALA A 21 -10.46 -2.75 2.98
CA ALA A 21 -10.98 -1.53 3.60
C ALA A 21 -12.46 -1.60 3.93
N SER A 22 -13.05 -2.80 3.98
CA SER A 22 -14.47 -2.91 4.28
C SER A 22 -14.78 -4.34 4.70
N VAL A 23 -15.59 -4.49 5.74
CA VAL A 23 -16.04 -5.80 6.21
C VAL A 23 -17.57 -5.74 6.26
N GLY A 24 -18.21 -6.17 5.19
CA GLY A 24 -19.66 -6.28 5.18
C GLY A 24 -20.09 -7.60 5.78
N TRP A 25 -21.11 -7.54 6.63
CA TRP A 25 -21.57 -8.71 7.36
C TRP A 25 -23.05 -8.94 7.08
N ALA A 26 -23.54 -10.07 7.61
CA ALA A 26 -24.94 -10.44 7.50
C ALA A 26 -25.17 -11.66 8.38
N MET A 27 -26.33 -11.71 9.01
CA MET A 27 -26.73 -12.88 9.79
C MET A 27 -28.03 -13.43 9.22
N VAL A 28 -28.03 -14.73 8.93
CA VAL A 28 -29.15 -15.39 8.27
C VAL A 28 -29.71 -16.42 9.23
N GLU A 29 -30.99 -16.28 9.59
CA GLU A 29 -31.63 -17.24 10.47
C GLU A 29 -31.87 -18.55 9.74
N ILE A 30 -31.60 -19.66 10.43
CA ILE A 30 -31.71 -20.99 9.86
C ILE A 30 -32.60 -21.83 10.74
N ASP A 31 -33.11 -22.91 10.18
CA ASP A 31 -34.00 -23.82 10.88
C ASP A 31 -33.18 -24.93 11.54
N GLU A 32 -33.85 -25.98 12.02
CA GLU A 32 -33.17 -27.06 12.74
C GLU A 32 -32.20 -27.82 11.85
N GLU A 33 -32.39 -27.82 10.54
CA GLU A 33 -31.50 -28.53 9.62
C GLU A 33 -30.57 -27.58 8.86
N GLU A 34 -30.31 -26.40 9.44
CA GLU A 34 -29.40 -25.42 8.84
C GLU A 34 -29.80 -25.06 7.41
N ASN A 35 -31.10 -24.87 7.18
CA ASN A 35 -31.59 -24.35 5.92
C ASN A 35 -32.03 -22.91 6.13
N PRO A 36 -31.45 -21.94 5.43
CA PRO A 36 -31.83 -20.53 5.64
C PRO A 36 -33.32 -20.31 5.42
N ILE A 37 -33.96 -19.65 6.39
CA ILE A 37 -35.39 -19.36 6.33
C ILE A 37 -35.67 -17.87 6.24
N ARG A 38 -34.88 -17.04 6.93
CA ARG A 38 -35.10 -15.61 6.94
C ARG A 38 -33.76 -14.89 6.91
N LEU A 39 -33.83 -13.57 6.73
CA LEU A 39 -32.68 -12.69 6.84
C LEU A 39 -33.02 -11.64 7.90
N ILE A 40 -32.23 -11.62 8.98
CA ILE A 40 -32.59 -10.85 10.16
C ILE A 40 -31.72 -9.63 10.38
N ASP A 41 -30.59 -9.49 9.69
CA ASP A 41 -29.74 -8.31 9.84
C ASP A 41 -28.64 -8.39 8.80
N LEU A 42 -27.98 -7.26 8.57
CA LEU A 42 -26.85 -7.12 7.67
C LEU A 42 -26.31 -5.70 7.80
N GLY A 43 -25.24 -5.42 7.08
CA GLY A 43 -24.61 -4.12 7.16
C GLY A 43 -23.21 -4.17 6.59
N VAL A 44 -22.59 -3.00 6.57
CA VAL A 44 -21.22 -2.84 6.05
C VAL A 44 -20.43 -1.97 7.02
N ARG A 45 -19.19 -2.35 7.27
CA ARG A 45 -18.30 -1.62 8.17
C ARG A 45 -17.07 -1.21 7.36
N VAL A 46 -17.03 0.03 6.92
CA VAL A 46 -15.93 0.55 6.11
C VAL A 46 -14.88 1.15 7.04
N PHE A 47 -13.61 0.98 6.68
CA PHE A 47 -12.51 1.51 7.46
C PHE A 47 -11.37 1.87 6.53
N GLU A 48 -10.46 2.70 7.03
CA GLU A 48 -9.28 3.06 6.25
C GLU A 48 -8.33 1.88 6.14
N ARG A 49 -7.67 1.77 4.99
CA ARG A 49 -6.66 0.73 4.81
C ARG A 49 -5.47 0.98 5.71
N ALA A 50 -4.95 -0.09 6.32
CA ALA A 50 -3.79 0.00 7.21
C ALA A 50 -2.50 0.03 6.40
N GLU A 51 -2.43 0.99 5.49
CA GLU A 51 -1.27 1.15 4.63
C GLU A 51 -1.06 2.63 4.37
N VAL A 52 0.16 2.99 3.98
CA VAL A 52 0.41 4.37 3.56
C VAL A 52 -0.46 4.68 2.33
N PRO A 53 -1.22 5.77 2.33
CA PRO A 53 -2.12 6.03 1.19
C PRO A 53 -1.40 6.15 -0.14
N LYS A 54 -0.12 6.46 -0.13
CA LYS A 54 0.68 6.58 -1.34
C LYS A 54 1.72 5.46 -1.35
N THR A 55 1.77 4.71 -2.44
CA THR A 55 2.68 3.59 -2.68
C THR A 55 2.42 2.39 -1.78
N GLY A 56 1.46 2.46 -0.86
CA GLY A 56 1.10 1.32 -0.06
C GLY A 56 2.23 0.75 0.78
N ASP A 57 3.04 1.62 1.40
CA ASP A 57 4.15 1.17 2.22
C ASP A 57 3.63 0.70 3.58
N SER A 58 4.55 0.41 4.50
CA SER A 58 4.20 0.01 5.85
C SER A 58 4.24 1.23 6.76
N LEU A 59 3.13 1.47 7.47
CA LEU A 59 3.08 2.60 8.39
C LEU A 59 4.09 2.44 9.52
N ALA A 60 4.19 1.24 10.06
CA ALA A 60 5.15 0.98 11.15
C ALA A 60 6.57 1.20 10.66
N MET A 61 6.87 0.78 9.43
CA MET A 61 8.22 1.00 8.89
C MET A 61 8.52 2.48 8.73
N ALA A 62 7.55 3.26 8.25
CA ALA A 62 7.76 4.69 8.12
C ALA A 62 7.98 5.36 9.48
N ARG A 63 7.17 4.98 10.47
CA ARG A 63 7.33 5.53 11.81
C ARG A 63 8.68 5.14 12.39
N ARG A 64 9.13 3.91 12.15
CA ARG A 64 10.43 3.48 12.62
C ARG A 64 11.56 4.25 11.93
N LEU A 65 11.39 4.55 10.64
CA LEU A 65 12.38 5.35 9.95
C LEU A 65 12.45 6.76 10.52
N ALA A 66 11.30 7.35 10.82
CA ALA A 66 11.28 8.67 11.45
C ALA A 66 11.96 8.63 12.82
N ARG A 67 11.66 7.60 13.62
CA ARG A 67 12.27 7.47 14.94
C ARG A 67 13.77 7.28 14.82
N SER A 68 14.22 6.51 13.83
CA SER A 68 15.66 6.32 13.63
C SER A 68 16.35 7.60 13.19
N VAL A 69 15.68 8.42 12.37
CA VAL A 69 16.24 9.71 11.99
C VAL A 69 16.35 10.62 13.22
N ARG A 70 15.30 10.66 14.04
CA ARG A 70 15.37 11.42 15.29
C ARG A 70 16.52 10.94 16.15
N ARG A 71 16.68 9.63 16.26
CA ARG A 71 17.76 9.06 17.07
C ARG A 71 19.12 9.44 16.53
N LEU A 72 19.28 9.42 15.20
CA LEU A 72 20.56 9.80 14.60
C LEU A 72 20.90 11.25 14.89
N THR A 73 19.93 12.15 14.70
CA THR A 73 20.19 13.56 14.97
C THR A 73 20.50 13.78 16.45
N ARG A 74 19.75 13.11 17.33
CA ARG A 74 19.99 13.25 18.76
C ARG A 74 21.38 12.77 19.13
N ARG A 75 21.81 11.63 18.57
CA ARG A 75 23.13 11.10 18.89
C ARG A 75 24.23 12.00 18.35
N ARG A 76 24.07 12.54 17.15
CA ARG A 76 25.08 13.44 16.61
C ARG A 76 25.20 14.71 17.45
N ALA A 77 24.06 15.28 17.85
CA ALA A 77 24.08 16.46 18.71
C ALA A 77 24.72 16.15 20.05
N HIS A 78 24.39 15.00 20.64
CA HIS A 78 24.97 14.62 21.92
C HIS A 78 26.48 14.41 21.79
N ARG A 79 26.93 13.80 20.69
CA ARG A 79 28.35 13.58 20.48
C ARG A 79 29.10 14.90 20.33
N LEU A 80 28.53 15.85 19.59
CA LEU A 80 29.19 17.16 19.47
C LEU A 80 29.16 17.92 20.78
N LEU A 81 28.08 17.79 21.56
CA LEU A 81 28.04 18.41 22.88
C LEU A 81 29.11 17.85 23.80
N ARG A 82 29.27 16.52 23.82
CA ARG A 82 30.35 15.93 24.59
C ARG A 82 31.71 16.37 24.10
N THR A 83 31.84 16.56 22.78
CA THR A 83 33.11 17.08 22.24
C THR A 83 33.40 18.47 22.77
N ARG A 84 32.37 19.33 22.82
CA ARG A 84 32.56 20.67 23.36
C ARG A 84 32.90 20.63 24.84
N ARG A 85 32.26 19.72 25.59
CA ARG A 85 32.60 19.58 27.01
C ARG A 85 34.05 19.13 27.18
N LEU A 86 34.49 18.18 26.36
CA LEU A 86 35.89 17.76 26.38
C LEU A 86 36.82 18.95 26.10
N LEU A 87 36.52 19.71 25.05
CA LEU A 87 37.37 20.84 24.71
C LEU A 87 37.38 21.88 25.82
N LYS A 88 36.29 22.00 26.57
CA LYS A 88 36.25 22.96 27.67
C LYS A 88 37.04 22.48 28.88
N ARG A 89 37.17 21.17 29.06
CA ARG A 89 37.82 20.63 30.25
C ARG A 89 39.22 20.06 29.98
N GLU A 90 39.57 19.78 28.73
CA GLU A 90 40.89 19.23 28.42
C GLU A 90 41.83 20.39 28.11
N GLY A 91 42.50 20.87 29.16
CA GLY A 91 43.42 21.98 29.09
C GLY A 91 42.73 23.32 29.12
N VAL A 92 42.21 23.76 27.98
CA VAL A 92 41.37 24.96 27.91
C VAL A 92 40.74 25.06 26.53
N LEU A 93 39.59 25.72 26.45
CA LEU A 93 39.07 26.28 25.21
C LEU A 93 38.68 27.74 25.45
N GLN A 94 39.58 28.48 26.10
CA GLN A 94 39.31 29.83 26.56
C GLN A 94 38.01 29.87 27.36
N ALA A 95 38.08 29.23 28.53
CA ALA A 95 36.90 28.98 29.36
C ALA A 95 35.98 30.19 29.42
N ALA A 96 34.68 29.92 29.29
CA ALA A 96 33.63 30.94 29.21
C ALA A 96 33.73 31.79 27.95
N ASN A 97 34.16 31.18 26.84
CA ASN A 97 34.05 31.78 25.51
C ASN A 97 32.80 31.33 24.78
N PHE A 98 31.92 30.58 25.46
CA PHE A 98 30.73 30.05 24.85
C PHE A 98 29.58 31.05 24.94
N ASP A 99 28.57 30.84 24.10
CA ASP A 99 27.37 31.65 24.14
C ASP A 99 26.46 31.17 25.28
N GLU A 100 25.25 31.72 25.35
CA GLU A 100 24.29 31.21 26.32
C GLU A 100 23.87 29.78 26.01
N ASN A 101 23.97 29.38 24.74
CA ASN A 101 23.63 28.02 24.33
C ASN A 101 24.78 27.04 24.53
N GLY A 102 25.96 27.51 24.92
CA GLY A 102 27.11 26.65 25.06
C GLY A 102 27.89 26.41 23.79
N LEU A 103 27.48 27.02 22.67
CA LEU A 103 28.14 26.81 21.39
C LEU A 103 29.49 27.53 21.36
N ILE A 104 30.13 27.49 20.21
CA ILE A 104 31.43 28.13 20.04
C ILE A 104 31.23 29.50 19.42
N LYS A 105 31.88 30.50 20.01
CA LYS A 105 31.79 31.88 19.55
C LYS A 105 32.96 32.20 18.63
N SER A 106 32.67 32.74 17.45
CA SER A 106 33.67 33.12 16.46
C SER A 106 34.50 31.91 16.02
N LEU A 107 33.84 30.79 15.79
CA LEU A 107 34.52 29.60 15.31
C LEU A 107 35.01 29.82 13.88
N PRO A 108 36.26 29.50 13.56
CA PRO A 108 36.76 29.70 12.19
C PRO A 108 36.06 28.77 11.23
N ASN A 109 35.34 29.35 10.26
CA ASN A 109 34.51 28.58 9.34
C ASN A 109 35.31 27.94 8.21
N THR A 110 36.63 27.86 8.34
CA THR A 110 37.49 27.26 7.32
C THR A 110 38.19 26.03 7.93
N PRO A 111 37.44 24.96 8.20
CA PRO A 111 38.06 23.80 8.85
C PRO A 111 38.74 22.85 7.89
N TRP A 112 38.33 22.83 6.62
CA TRP A 112 39.05 22.05 5.61
C TRP A 112 40.45 22.61 5.40
N GLN A 113 40.56 23.93 5.24
CA GLN A 113 41.88 24.55 5.18
C GLN A 113 42.66 24.33 6.47
N LEU A 114 41.96 24.23 7.60
CA LEU A 114 42.63 23.95 8.86
C LEU A 114 43.21 22.54 8.88
N ARG A 115 42.48 21.55 8.36
CA ARG A 115 43.01 20.20 8.25
C ARG A 115 44.16 20.15 7.26
N ALA A 116 44.10 20.96 6.20
CA ALA A 116 45.18 21.00 5.22
C ALA A 116 46.46 21.58 5.82
N ALA A 117 46.35 22.74 6.47
CA ALA A 117 47.52 23.47 6.95
C ALA A 117 47.94 23.08 8.36
N ALA A 118 47.17 22.23 9.04
CA ALA A 118 47.55 21.79 10.37
C ALA A 118 48.72 20.83 10.35
N LEU A 119 49.03 20.25 9.18
CA LEU A 119 50.17 19.35 9.09
C LEU A 119 51.48 20.08 9.41
N ASP A 120 51.63 21.31 8.91
CA ASP A 120 52.77 22.16 9.25
C ASP A 120 52.27 23.55 9.63
N ARG A 121 51.83 23.70 10.89
CA ARG A 121 51.49 24.99 11.47
C ARG A 121 51.09 24.80 12.93
N LYS A 122 51.26 25.83 13.76
CA LYS A 122 50.84 25.80 15.15
C LYS A 122 49.43 26.36 15.25
N LEU A 123 48.44 25.48 15.29
CA LEU A 123 47.06 25.91 15.29
C LEU A 123 46.71 26.68 16.56
N THR A 124 45.95 27.75 16.40
CA THR A 124 45.36 28.43 17.54
C THR A 124 44.32 27.52 18.19
N PRO A 125 44.19 27.52 19.51
CA PRO A 125 43.18 26.66 20.15
C PRO A 125 41.78 26.84 19.61
N LEU A 126 41.41 28.04 19.16
CA LEU A 126 40.13 28.21 18.49
C LEU A 126 40.09 27.45 17.17
N GLU A 127 41.14 27.61 16.34
CA GLU A 127 41.21 26.86 15.10
C GLU A 127 41.40 25.37 15.36
N TRP A 128 42.13 25.02 16.42
CA TRP A 128 42.30 23.61 16.79
C TRP A 128 40.96 22.99 17.15
N SER A 129 40.14 23.70 17.92
CA SER A 129 38.80 23.20 18.21
C SER A 129 37.93 23.17 16.96
N ALA A 130 38.11 24.14 16.06
CA ALA A 130 37.35 24.13 14.81
C ALA A 130 37.62 22.86 14.00
N VAL A 131 38.90 22.58 13.76
CA VAL A 131 39.27 21.38 13.00
C VAL A 131 38.83 20.13 13.73
N LEU A 132 38.96 20.11 15.06
CA LEU A 132 38.61 18.90 15.80
C LEU A 132 37.11 18.64 15.73
N LEU A 133 36.29 19.64 16.05
CA LEU A 133 34.85 19.51 15.96
C LEU A 133 34.40 19.19 14.54
N HIS A 134 35.12 19.70 13.54
CA HIS A 134 34.84 19.28 12.17
C HIS A 134 35.05 17.79 12.02
N LEU A 135 36.15 17.27 12.59
CA LEU A 135 36.43 15.85 12.45
C LEU A 135 35.37 15.00 13.12
N ILE A 136 34.91 15.38 14.32
CA ILE A 136 33.88 14.58 14.98
C ILE A 136 32.55 14.69 14.23
N LYS A 137 32.18 15.89 13.77
CA LYS A 137 30.89 16.04 13.11
C LYS A 137 30.83 15.22 11.82
N HIS A 138 31.82 15.40 10.95
CA HIS A 138 31.91 14.62 9.71
C HIS A 138 32.92 13.50 9.90
N ARG A 139 32.52 12.51 10.71
CA ARG A 139 33.42 11.44 11.12
C ARG A 139 33.37 10.24 10.18
N GLY A 140 32.96 10.43 8.94
CA GLY A 140 33.10 9.41 7.92
C GLY A 140 32.11 8.27 8.06
N TYR A 141 32.38 7.22 7.27
CA TYR A 141 31.54 6.04 7.21
C TYR A 141 32.35 4.80 7.56
N LEU A 142 31.77 3.92 8.34
CA LEU A 142 32.39 2.67 8.76
C LEU A 142 31.67 1.51 8.07
N SER A 143 32.37 0.38 7.98
CA SER A 143 31.85 -0.78 7.26
C SER A 143 30.53 -1.27 7.85
N GLN A 144 30.46 -1.34 9.18
CA GLN A 144 29.26 -1.80 9.89
C GLN A 144 28.79 -3.17 9.41
N LYS A 154 22.61 -1.52 -3.63
CA LYS A 154 21.93 -0.48 -4.41
C LYS A 154 22.48 0.89 -4.06
N GLU A 155 21.74 1.63 -3.23
CA GLU A 155 22.20 2.96 -2.82
C GLU A 155 23.47 2.88 -1.98
N LEU A 156 23.56 1.88 -1.11
CA LEU A 156 24.77 1.71 -0.31
C LEU A 156 25.98 1.42 -1.19
N GLY A 157 25.81 0.56 -2.19
CA GLY A 157 26.92 0.23 -3.07
C GLY A 157 27.48 1.44 -3.78
N ALA A 158 26.61 2.37 -4.17
CA ALA A 158 27.07 3.62 -4.77
C ALA A 158 27.88 4.44 -3.78
N LEU A 159 27.43 4.49 -2.51
CA LEU A 159 28.15 5.27 -1.51
C LEU A 159 29.51 4.64 -1.21
N LEU A 160 29.57 3.31 -1.14
CA LEU A 160 30.86 2.64 -0.94
C LEU A 160 31.79 2.88 -2.12
N LYS A 161 31.22 3.04 -3.33
CA LYS A 161 32.05 3.35 -4.48
C LYS A 161 32.73 4.70 -4.33
N GLY A 162 31.99 5.70 -3.82
CA GLY A 162 32.60 6.99 -3.56
C GLY A 162 33.60 6.93 -2.43
N VAL A 163 33.32 6.11 -1.40
CA VAL A 163 34.27 5.94 -0.30
C VAL A 163 35.56 5.30 -0.81
N ALA A 164 35.43 4.26 -1.64
CA ALA A 164 36.60 3.58 -2.16
C ALA A 164 37.42 4.48 -3.07
N GLY A 165 36.77 5.30 -3.89
CA GLY A 165 37.50 6.17 -4.79
C GLY A 165 38.37 7.18 -4.06
N ASN A 166 37.82 7.81 -3.03
CA ASN A 166 38.62 8.75 -2.24
C ASN A 166 39.66 8.01 -1.40
N ALA A 167 39.36 6.77 -1.00
CA ALA A 167 40.34 5.98 -0.27
C ALA A 167 41.55 5.68 -1.14
N HIS A 168 41.34 5.35 -2.41
CA HIS A 168 42.46 5.05 -3.29
C HIS A 168 43.27 6.30 -3.60
N ALA A 169 42.61 7.46 -3.67
CA ALA A 169 43.31 8.69 -4.01
C ALA A 169 44.36 9.05 -2.96
N LEU A 170 44.04 8.86 -1.68
CA LEU A 170 45.00 9.18 -0.63
C LEU A 170 46.08 8.12 -0.50
N GLN A 171 45.78 6.86 -0.82
CA GLN A 171 46.78 5.80 -0.69
C GLN A 171 47.88 5.94 -1.73
N THR A 172 47.50 6.16 -3.00
CA THR A 172 48.47 6.28 -4.08
C THR A 172 48.86 7.72 -4.39
N GLY A 173 48.21 8.71 -3.77
CA GLY A 173 48.50 10.09 -4.04
C GLY A 173 49.65 10.63 -3.22
N ASP A 174 49.89 11.93 -3.38
CA ASP A 174 50.93 12.64 -2.65
C ASP A 174 50.37 13.45 -1.48
N PHE A 175 49.10 13.26 -1.14
CA PHE A 175 48.44 13.99 -0.06
C PHE A 175 48.25 13.05 1.12
N ARG A 176 48.62 13.53 2.31
CA ARG A 176 48.53 12.69 3.51
C ARG A 176 47.10 12.63 4.03
N THR A 177 46.57 13.79 4.43
CA THR A 177 45.21 13.86 4.95
C THR A 177 44.20 13.86 3.79
N PRO A 178 43.08 13.17 3.94
CA PRO A 178 42.04 13.20 2.90
C PRO A 178 41.52 14.60 2.64
N ALA A 179 41.50 15.47 3.66
CA ALA A 179 41.03 16.83 3.46
C ALA A 179 41.99 17.64 2.60
N GLU A 180 43.29 17.37 2.70
CA GLU A 180 44.25 18.12 1.88
C GLU A 180 43.99 17.89 0.40
N LEU A 181 43.92 16.62 -0.03
CA LEU A 181 43.56 16.34 -1.41
C LEU A 181 42.17 16.85 -1.72
N ALA A 182 41.25 16.74 -0.75
CA ALA A 182 39.89 17.23 -0.93
C ALA A 182 39.90 18.67 -1.44
N LEU A 183 40.42 19.61 -0.65
CA LEU A 183 40.35 20.99 -1.13
C LEU A 183 41.25 21.17 -2.35
N ASN A 184 42.48 20.63 -2.29
CA ASN A 184 43.48 20.94 -3.30
C ASN A 184 43.07 20.46 -4.68
N LYS A 185 42.13 19.51 -4.77
CA LYS A 185 41.70 19.06 -6.09
C LYS A 185 40.23 19.35 -6.38
N PHE A 186 39.38 19.41 -5.35
CA PHE A 186 37.99 19.78 -5.53
C PHE A 186 37.83 21.25 -5.84
N GLU A 187 38.79 22.09 -5.46
CA GLU A 187 38.77 23.49 -5.88
C GLU A 187 39.21 23.65 -7.32
N LYS A 188 40.05 22.73 -7.82
CA LYS A 188 40.37 22.74 -9.24
C LYS A 188 39.22 22.20 -10.08
N GLU A 189 38.56 21.14 -9.59
CA GLU A 189 37.45 20.56 -10.33
C GLU A 189 36.24 21.50 -10.34
N SER A 190 35.86 22.02 -9.18
CA SER A 190 34.69 22.87 -9.05
C SER A 190 34.93 23.85 -7.90
N GLY A 191 33.85 24.44 -7.40
CA GLY A 191 33.94 25.37 -6.30
C GLY A 191 33.61 24.80 -4.93
N HIS A 192 33.21 23.53 -4.84
CA HIS A 192 32.78 22.94 -3.58
C HIS A 192 33.74 21.83 -3.17
N ILE A 193 33.83 21.61 -1.85
CA ILE A 193 34.70 20.58 -1.29
C ILE A 193 33.84 19.51 -0.64
N ARG A 194 32.69 19.89 -0.11
CA ARG A 194 31.80 18.95 0.54
C ARG A 194 30.89 18.27 -0.49
N ASN A 195 30.24 17.20 -0.04
CA ASN A 195 29.33 16.46 -0.90
C ASN A 195 28.11 17.31 -1.26
N GLN A 196 27.60 17.11 -2.46
CA GLN A 196 26.42 17.82 -2.94
C GLN A 196 25.47 16.83 -3.59
N ARG A 197 24.17 17.11 -3.43
CA ARG A 197 23.07 16.25 -3.87
C ARG A 197 23.40 14.76 -3.81
N SER A 198 23.87 14.21 -4.93
CA SER A 198 24.21 12.78 -5.02
C SER A 198 25.58 12.57 -5.64
N ASP A 199 26.52 13.49 -5.38
CA ASP A 199 27.88 13.38 -5.88
C ASP A 199 28.76 12.75 -4.80
N TYR A 200 28.85 11.42 -4.82
CA TYR A 200 29.59 10.68 -3.81
C TYR A 200 31.10 10.76 -4.02
N SER A 201 31.56 11.62 -4.92
CA SER A 201 32.99 11.81 -5.11
C SER A 201 33.65 12.50 -3.93
N HIS A 202 32.86 12.97 -2.97
CA HIS A 202 33.38 13.76 -1.88
C HIS A 202 33.37 13.03 -0.54
N THR A 203 32.78 11.84 -0.49
CA THR A 203 32.69 11.08 0.75
C THR A 203 34.04 10.48 1.11
N PHE A 204 34.29 10.36 2.41
CA PHE A 204 35.54 9.82 2.95
C PHE A 204 35.26 8.54 3.74
N SER A 205 36.29 8.02 4.39
CA SER A 205 36.20 6.78 5.16
C SER A 205 36.72 7.01 6.58
N ARG A 206 36.15 6.27 7.53
CA ARG A 206 36.43 6.52 8.94
C ARG A 206 37.82 6.03 9.36
N LYS A 207 38.33 4.95 8.78
CA LYS A 207 39.68 4.51 9.11
C LYS A 207 40.71 5.53 8.67
N ASP A 208 40.54 6.07 7.45
CA ASP A 208 41.40 7.16 7.01
C ASP A 208 41.27 8.38 7.90
N LEU A 209 40.08 8.61 8.46
CA LEU A 209 39.90 9.73 9.37
C LEU A 209 40.62 9.49 10.70
N GLN A 210 40.64 8.25 11.18
CA GLN A 210 41.43 7.95 12.37
C GLN A 210 42.92 8.14 12.12
N ALA A 211 43.39 7.70 10.95
CA ALA A 211 44.79 7.93 10.59
C ALA A 211 45.09 9.43 10.52
N GLU A 212 44.18 10.19 9.92
CA GLU A 212 44.35 11.65 9.88
C GLU A 212 44.39 12.24 11.27
N LEU A 213 43.53 11.76 12.17
CA LEU A 213 43.50 12.29 13.53
C LEU A 213 44.80 12.01 14.26
N ILE A 214 45.31 10.78 14.15
CA ILE A 214 46.53 10.46 14.89
C ILE A 214 47.72 11.21 14.31
N LEU A 215 47.79 11.36 12.99
CA LEU A 215 48.90 12.14 12.45
C LEU A 215 48.74 13.63 12.77
N LEU A 216 47.50 14.11 12.89
CA LEU A 216 47.28 15.49 13.30
C LEU A 216 47.76 15.73 14.72
N PHE A 217 47.47 14.78 15.62
CA PHE A 217 48.01 14.87 16.98
C PHE A 217 49.53 14.85 16.95
N GLU A 218 50.11 13.98 16.11
CA GLU A 218 51.57 13.93 15.99
C GLU A 218 52.14 15.27 15.55
N LYS A 219 51.51 15.90 14.56
CA LYS A 219 52.03 17.17 14.03
C LYS A 219 51.85 18.29 15.04
N GLN A 220 50.69 18.37 15.69
CA GLN A 220 50.48 19.41 16.69
C GLN A 220 51.40 19.22 17.89
N LYS A 221 51.84 17.99 18.16
CA LYS A 221 52.87 17.80 19.17
C LYS A 221 54.24 18.23 18.65
N GLU A 222 54.52 17.96 17.37
CA GLU A 222 55.82 18.31 16.81
C GLU A 222 56.06 19.81 16.82
N PHE A 223 55.04 20.59 16.48
CA PHE A 223 55.17 22.04 16.38
C PHE A 223 54.88 22.74 17.70
N GLY A 224 54.96 22.04 18.82
CA GLY A 224 54.85 22.67 20.12
C GLY A 224 53.51 23.30 20.42
N ASN A 225 52.46 22.88 19.73
CA ASN A 225 51.12 23.38 20.04
C ASN A 225 50.64 22.76 21.34
N PRO A 226 50.25 23.56 22.34
CA PRO A 226 49.68 22.98 23.56
C PRO A 226 48.31 22.37 23.32
N HIS A 227 47.68 21.88 24.38
CA HIS A 227 46.32 21.32 24.33
C HIS A 227 46.26 20.10 23.42
N VAL A 228 47.35 19.35 23.32
CA VAL A 228 47.44 18.19 22.45
C VAL A 228 47.75 16.92 23.23
N SER A 229 48.65 17.01 24.22
CA SER A 229 49.12 15.82 24.92
C SER A 229 48.24 15.41 26.09
N GLY A 230 47.18 16.17 26.37
CA GLY A 230 46.34 15.85 27.51
C GLY A 230 45.50 14.61 27.28
N GLY A 231 44.49 14.45 28.14
CA GLY A 231 43.56 13.34 28.02
C GLY A 231 42.73 13.42 26.75
N LEU A 232 42.86 14.54 26.04
CA LEU A 232 42.13 14.72 24.77
C LEU A 232 42.49 13.60 23.80
N LYS A 233 43.74 13.52 23.38
CA LYS A 233 44.15 12.52 22.34
C LYS A 233 43.40 11.21 22.55
N GLU A 234 43.15 10.80 23.78
CA GLU A 234 42.33 9.56 23.93
C GLU A 234 40.86 9.94 23.80
N GLY A 235 40.36 10.75 24.72
CA GLY A 235 38.95 11.08 24.69
C GLY A 235 38.43 11.35 23.30
N ILE A 236 39.31 11.80 22.40
CA ILE A 236 38.89 12.08 21.03
C ILE A 236 38.53 10.79 20.31
N GLU A 237 39.34 9.73 20.50
CA GLU A 237 38.98 8.45 19.93
C GLU A 237 37.79 7.83 20.65
N THR A 238 37.67 8.09 21.95
CA THR A 238 36.51 7.64 22.70
C THR A 238 35.22 8.18 22.09
N LEU A 239 35.22 9.46 21.72
CA LEU A 239 34.06 10.03 21.05
C LEU A 239 33.96 9.58 19.60
N LEU A 240 35.10 9.41 18.92
CA LEU A 240 35.11 9.21 17.48
C LEU A 240 34.64 7.81 17.10
N MET A 241 35.18 6.78 17.74
CA MET A 241 34.93 5.42 17.28
C MET A 241 33.97 4.62 18.17
N THR A 242 33.65 5.08 19.36
CA THR A 242 32.63 4.39 20.14
C THR A 242 31.31 4.44 19.39
N GLN A 243 30.67 3.28 19.29
CA GLN A 243 29.50 3.14 18.43
C GLN A 243 28.50 2.21 19.07
N ARG A 244 27.23 2.48 18.84
CA ARG A 244 26.17 1.61 19.35
C ARG A 244 26.23 0.27 18.62
N PRO A 245 26.21 -0.86 19.34
CA PRO A 245 26.30 -2.16 18.67
C PRO A 245 25.04 -2.50 17.88
N ALA A 246 24.98 -3.72 17.35
CA ALA A 246 23.90 -4.15 16.48
C ALA A 246 23.12 -5.29 17.13
N LEU A 247 22.21 -5.88 16.36
CA LEU A 247 21.29 -6.87 16.88
C LEU A 247 22.02 -8.17 17.23
N SER A 248 21.32 -9.04 17.95
CA SER A 248 21.75 -10.39 18.28
C SER A 248 20.63 -11.36 17.90
N GLY A 249 20.77 -12.61 18.33
CA GLY A 249 19.75 -13.60 18.07
C GLY A 249 18.46 -13.37 18.81
N ASP A 250 18.51 -12.59 19.90
CA ASP A 250 17.30 -12.31 20.68
C ASP A 250 16.26 -11.56 19.85
N ALA A 251 16.70 -10.63 19.00
CA ALA A 251 15.77 -9.94 18.11
C ALA A 251 15.13 -10.91 17.14
N VAL A 252 15.91 -11.85 16.61
CA VAL A 252 15.36 -12.86 15.71
C VAL A 252 14.32 -13.72 16.42
N GLN A 253 14.58 -14.07 17.68
CA GLN A 253 13.60 -14.84 18.44
C GLN A 253 12.33 -14.03 18.68
N LYS A 254 12.47 -12.79 19.14
CA LYS A 254 11.32 -12.01 19.59
C LYS A 254 10.45 -11.55 18.42
N MET A 255 11.08 -11.06 17.36
CA MET A 255 10.34 -10.46 16.25
C MET A 255 9.85 -11.48 15.24
N LEU A 256 10.19 -12.75 15.40
CA LEU A 256 9.73 -13.82 14.51
C LEU A 256 9.07 -14.91 15.34
N GLY A 257 8.72 -16.01 14.69
CA GLY A 257 8.07 -17.11 15.36
C GLY A 257 9.00 -17.84 16.31
N HIS A 258 8.40 -18.72 17.12
CA HIS A 258 9.13 -19.50 18.10
C HIS A 258 8.80 -20.97 17.92
N CYS A 259 9.80 -21.82 18.06
CA CYS A 259 9.62 -23.25 17.90
C CYS A 259 8.74 -23.81 19.02
N THR A 260 7.82 -24.71 18.65
CA THR A 260 6.96 -25.33 19.65
C THR A 260 7.76 -26.22 20.59
N PHE A 261 8.71 -26.97 20.06
CA PHE A 261 9.50 -27.89 20.89
C PHE A 261 10.35 -27.12 21.90
N GLU A 262 11.09 -26.14 21.41
CA GLU A 262 11.95 -25.31 22.30
C GLU A 262 11.87 -23.85 21.85
N PRO A 263 10.90 -23.09 22.35
CA PRO A 263 10.83 -21.66 22.00
C PRO A 263 12.15 -20.99 22.36
N ALA A 264 12.82 -21.46 23.40
CA ALA A 264 14.12 -20.89 23.81
C ALA A 264 15.07 -20.87 22.60
N GLU A 265 14.93 -21.82 21.69
CA GLU A 265 15.81 -21.89 20.50
C GLU A 265 15.41 -20.80 19.50
N PRO A 266 16.38 -20.04 18.97
CA PRO A 266 16.09 -19.02 17.97
C PRO A 266 15.81 -19.66 16.61
N LYS A 267 15.70 -18.88 15.55
CA LYS A 267 15.33 -19.45 14.23
C LYS A 267 16.57 -19.65 13.36
N ALA A 268 16.66 -20.76 12.64
CA ALA A 268 17.77 -21.07 11.75
C ALA A 268 17.79 -20.09 10.58
N ALA A 269 18.80 -20.25 9.73
CA ALA A 269 18.98 -19.42 8.54
C ALA A 269 19.05 -20.32 7.31
N LYS A 270 18.50 -19.84 6.20
CA LYS A 270 18.51 -20.62 4.97
C LYS A 270 19.91 -20.76 4.40
N ASN A 271 20.85 -19.95 4.87
CA ASN A 271 22.22 -20.02 4.40
C ASN A 271 22.99 -21.12 5.11
N THR A 272 22.27 -22.04 5.73
CA THR A 272 22.85 -23.22 6.36
C THR A 272 22.54 -24.46 5.54
N TYR A 273 23.40 -25.47 5.64
CA TYR A 273 23.24 -26.68 4.86
C TYR A 273 21.95 -27.41 5.21
N THR A 274 21.63 -27.49 6.51
CA THR A 274 20.45 -28.23 6.94
C THR A 274 19.18 -27.60 6.39
N ALA A 275 19.08 -26.26 6.43
CA ALA A 275 17.89 -25.60 5.92
C ALA A 275 17.74 -25.81 4.43
N GLU A 276 18.85 -25.74 3.68
CA GLU A 276 18.78 -25.97 2.24
C GLU A 276 18.35 -27.40 1.94
N ARG A 277 18.89 -28.37 2.67
CA ARG A 277 18.46 -29.76 2.49
C ARG A 277 16.97 -29.91 2.80
N PHE A 278 16.51 -29.27 3.87
CA PHE A 278 15.11 -29.40 4.25
C PHE A 278 14.19 -28.80 3.19
N ILE A 279 14.53 -27.62 2.67
CA ILE A 279 13.67 -27.00 1.66
C ILE A 279 13.71 -27.80 0.37
N TRP A 280 14.87 -28.34 0.00
CA TRP A 280 14.95 -29.20 -1.18
C TRP A 280 14.09 -30.45 -1.02
N LEU A 281 14.13 -31.06 0.16
CA LEU A 281 13.37 -32.28 0.39
C LEU A 281 11.87 -31.99 0.40
N THR A 282 11.46 -30.86 0.97
CA THR A 282 10.06 -30.47 0.93
C THR A 282 9.60 -30.20 -0.50
N LYS A 283 10.43 -29.52 -1.29
CA LYS A 283 10.11 -29.31 -2.70
C LYS A 283 9.94 -30.63 -3.43
N LEU A 284 10.81 -31.60 -3.14
CA LEU A 284 10.64 -32.93 -3.71
C LEU A 284 9.33 -33.57 -3.27
N ASN A 285 8.98 -33.42 -1.99
CA ASN A 285 7.75 -34.02 -1.49
C ASN A 285 6.51 -33.38 -2.11
N ASN A 286 6.60 -32.12 -2.52
CA ASN A 286 5.46 -31.44 -3.13
C ASN A 286 5.60 -31.32 -4.65
N LEU A 287 6.30 -32.24 -5.30
CA LEU A 287 6.47 -32.24 -6.74
C LEU A 287 6.01 -33.58 -7.30
N ARG A 288 5.33 -33.53 -8.45
CA ARG A 288 4.78 -34.72 -9.09
C ARG A 288 5.17 -34.72 -10.57
N ILE A 289 4.66 -35.71 -11.30
CA ILE A 289 4.87 -35.83 -12.74
C ILE A 289 3.50 -35.74 -13.41
N LEU A 290 3.38 -34.83 -14.37
CA LEU A 290 2.09 -34.50 -14.98
C LEU A 290 2.20 -34.73 -16.49
N GLU A 291 1.66 -35.86 -16.96
CA GLU A 291 1.72 -36.22 -18.38
C GLU A 291 0.42 -36.86 -18.80
N GLN A 292 -0.13 -36.39 -19.93
CA GLN A 292 -1.35 -36.95 -20.52
C GLN A 292 -2.49 -36.97 -19.51
N GLY A 293 -2.59 -35.91 -18.72
CA GLY A 293 -3.62 -35.83 -17.69
C GLY A 293 -3.46 -36.86 -16.60
N SER A 294 -2.21 -37.18 -16.23
CA SER A 294 -1.93 -38.12 -15.16
C SER A 294 -0.95 -37.48 -14.18
N GLU A 295 -1.32 -37.47 -12.91
CA GLU A 295 -0.50 -36.88 -11.85
C GLU A 295 0.09 -38.01 -11.03
N ARG A 296 1.40 -38.22 -11.17
CA ARG A 296 2.09 -39.28 -10.48
C ARG A 296 3.25 -38.73 -9.66
N PRO A 297 3.41 -39.15 -8.41
CA PRO A 297 4.54 -38.67 -7.60
C PRO A 297 5.85 -39.28 -8.06
N LEU A 298 6.94 -38.63 -7.66
CA LEU A 298 8.27 -39.12 -8.00
C LEU A 298 8.54 -40.45 -7.30
N THR A 299 9.01 -41.43 -8.05
CA THR A 299 9.35 -42.73 -7.49
C THR A 299 10.63 -42.63 -6.69
N ASP A 300 10.85 -43.63 -5.83
CA ASP A 300 12.03 -43.64 -4.96
C ASP A 300 13.32 -43.65 -5.78
N THR A 301 13.36 -44.47 -6.84
CA THR A 301 14.53 -44.49 -7.70
C THR A 301 14.74 -43.14 -8.38
N GLU A 302 13.66 -42.50 -8.84
CA GLU A 302 13.77 -41.17 -9.44
C GLU A 302 14.23 -40.15 -8.41
N ARG A 303 13.69 -40.22 -7.19
CA ARG A 303 14.07 -39.30 -6.14
C ARG A 303 15.56 -39.42 -5.81
N ALA A 304 16.06 -40.65 -5.73
CA ALA A 304 17.49 -40.84 -5.50
C ALA A 304 18.33 -40.39 -6.69
N THR A 305 17.81 -40.59 -7.91
CA THR A 305 18.55 -40.20 -9.10
C THR A 305 18.73 -38.69 -9.18
N LEU A 306 17.67 -37.93 -8.90
CA LEU A 306 17.75 -36.48 -9.05
C LEU A 306 18.15 -35.76 -7.78
N MET A 307 18.34 -36.47 -6.66
CA MET A 307 18.75 -35.81 -5.43
C MET A 307 20.17 -35.26 -5.55
N ASP A 308 21.03 -35.97 -6.30
CA ASP A 308 22.40 -35.52 -6.48
C ASP A 308 22.50 -34.24 -7.31
N GLU A 309 21.44 -33.85 -8.01
CA GLU A 309 21.54 -32.75 -8.96
C GLU A 309 21.92 -31.41 -8.34
N PRO A 310 21.31 -30.95 -7.24
CA PRO A 310 21.72 -29.65 -6.69
C PRO A 310 23.17 -29.60 -6.25
N TYR A 311 23.80 -30.74 -5.98
CA TYR A 311 25.22 -30.77 -5.64
C TYR A 311 26.10 -31.17 -6.81
N ARG A 312 25.61 -32.01 -7.72
CA ARG A 312 26.37 -32.33 -8.92
C ARG A 312 26.51 -31.12 -9.83
N LYS A 313 25.46 -30.31 -9.92
CA LYS A 313 25.50 -29.09 -10.74
C LYS A 313 25.04 -27.89 -9.92
N SER A 314 24.86 -26.76 -10.58
CA SER A 314 24.58 -25.50 -9.88
C SER A 314 23.09 -25.26 -9.67
N LYS A 315 22.32 -25.21 -10.76
CA LYS A 315 20.91 -24.83 -10.71
C LYS A 315 20.04 -25.98 -11.21
N LEU A 316 18.81 -26.01 -10.74
CA LEU A 316 17.83 -27.03 -11.10
C LEU A 316 16.67 -26.37 -11.85
N THR A 317 16.84 -26.20 -13.16
CA THR A 317 15.75 -25.74 -14.01
C THR A 317 14.77 -26.89 -14.22
N TYR A 318 13.49 -26.54 -14.35
CA TYR A 318 12.46 -27.55 -14.60
C TYR A 318 12.76 -28.31 -15.89
N ALA A 319 13.14 -27.60 -16.94
CA ALA A 319 13.57 -28.26 -18.17
C ALA A 319 14.82 -29.09 -17.95
N GLN A 320 15.75 -28.58 -17.14
CA GLN A 320 16.93 -29.36 -16.79
C GLN A 320 16.55 -30.63 -16.04
N ALA A 321 15.61 -30.52 -15.10
CA ALA A 321 15.15 -31.70 -14.37
C ALA A 321 14.50 -32.71 -15.30
N ARG A 322 13.72 -32.24 -16.27
CA ARG A 322 13.13 -33.13 -17.25
C ARG A 322 14.20 -33.82 -18.09
N LYS A 323 15.22 -33.07 -18.50
CA LYS A 323 16.28 -33.63 -19.33
C LYS A 323 17.07 -34.68 -18.57
N LEU A 324 17.36 -34.44 -17.29
CA LEU A 324 18.14 -35.39 -16.51
C LEU A 324 17.41 -36.71 -16.34
N LEU A 325 16.10 -36.67 -16.12
CA LEU A 325 15.32 -37.88 -15.87
C LEU A 325 14.67 -38.36 -17.16
N GLY A 326 13.99 -39.50 -17.07
CA GLY A 326 13.32 -40.09 -18.22
C GLY A 326 11.81 -39.94 -18.17
N LEU A 327 11.27 -39.05 -19.00
CA LEU A 327 9.84 -38.83 -19.06
C LEU A 327 9.50 -38.19 -20.40
N GLU A 328 8.22 -38.14 -20.71
CA GLU A 328 7.76 -37.63 -21.99
C GLU A 328 8.02 -36.13 -22.10
N ASP A 329 8.13 -35.67 -23.35
CA ASP A 329 8.39 -34.24 -23.60
C ASP A 329 7.21 -33.39 -23.19
N THR A 330 5.98 -33.84 -23.47
CA THR A 330 4.79 -33.07 -23.15
C THR A 330 4.51 -33.02 -21.65
N ALA A 331 5.21 -33.81 -20.85
CA ALA A 331 4.98 -33.86 -19.41
C ALA A 331 5.42 -32.56 -18.76
N PHE A 332 4.44 -31.74 -18.35
CA PHE A 332 4.75 -30.52 -17.61
C PHE A 332 4.73 -30.82 -16.11
N PHE A 333 4.92 -29.79 -15.30
CA PHE A 333 5.02 -29.93 -13.85
C PHE A 333 3.93 -29.11 -13.18
N LYS A 334 3.27 -29.70 -12.19
CA LYS A 334 2.27 -29.01 -11.40
C LYS A 334 2.93 -28.24 -10.27
N GLY A 335 2.15 -27.36 -9.64
CA GLY A 335 2.65 -26.51 -8.58
C GLY A 335 3.35 -25.25 -9.04
N LEU A 336 3.62 -25.14 -10.35
CA LEU A 336 4.24 -23.93 -10.90
C LEU A 336 3.11 -22.95 -11.22
N ARG A 337 2.86 -22.03 -10.29
CA ARG A 337 1.74 -21.10 -10.39
C ARG A 337 2.07 -20.04 -11.45
N TYR A 338 1.79 -20.38 -12.70
CA TYR A 338 2.00 -19.47 -13.83
C TYR A 338 0.69 -18.82 -14.22
N GLY A 339 0.70 -17.50 -14.37
CA GLY A 339 -0.48 -16.81 -14.86
C GLY A 339 -0.80 -17.17 -16.29
N LYS A 340 0.21 -17.22 -17.15
CA LYS A 340 0.07 -17.58 -18.55
C LYS A 340 1.46 -17.84 -19.10
N ASP A 341 1.51 -18.29 -20.36
CA ASP A 341 2.77 -18.54 -21.08
C ASP A 341 3.63 -19.56 -20.33
N ASN A 342 3.12 -20.79 -20.25
CA ASN A 342 3.83 -21.88 -19.60
C ASN A 342 4.94 -22.47 -20.46
N ALA A 343 5.15 -21.94 -21.67
CA ALA A 343 6.19 -22.48 -22.54
C ALA A 343 7.57 -22.33 -21.93
N GLU A 344 7.85 -21.19 -21.32
CA GLU A 344 9.14 -20.99 -20.67
C GLU A 344 9.21 -21.81 -19.39
N ALA A 345 10.32 -22.51 -19.20
CA ALA A 345 10.52 -23.32 -18.01
C ALA A 345 11.09 -22.47 -16.88
N SER A 346 10.75 -22.85 -15.65
CA SER A 346 11.20 -22.15 -14.46
C SER A 346 12.28 -22.98 -13.77
N THR A 347 12.78 -22.44 -12.65
CA THR A 347 13.85 -23.08 -11.91
C THR A 347 13.32 -23.58 -10.56
N LEU A 348 13.78 -24.76 -10.16
CA LEU A 348 13.21 -25.41 -8.97
C LEU A 348 13.75 -24.79 -7.69
N MET A 349 15.05 -24.92 -7.43
CA MET A 349 15.72 -24.33 -6.27
C MET A 349 17.19 -24.68 -6.37
N GLU A 350 18.00 -24.04 -5.52
CA GLU A 350 19.45 -24.24 -5.54
C GLU A 350 20.01 -24.28 -4.14
N MET A 351 21.20 -24.85 -4.02
CA MET A 351 22.02 -24.75 -2.82
C MET A 351 22.73 -23.39 -2.83
N LYS A 352 22.06 -22.38 -2.28
CA LYS A 352 22.64 -21.04 -2.23
C LYS A 352 23.95 -21.04 -1.43
N ALA A 353 23.91 -21.56 -0.19
CA ALA A 353 25.09 -21.52 0.66
C ALA A 353 26.20 -22.40 0.10
N TYR A 354 25.86 -23.60 -0.36
CA TYR A 354 26.86 -24.52 -0.89
C TYR A 354 27.58 -23.93 -2.09
N HIS A 355 26.82 -23.41 -3.05
CA HIS A 355 27.44 -22.86 -4.26
C HIS A 355 28.18 -21.56 -3.96
N ALA A 356 27.66 -20.75 -3.04
CA ALA A 356 28.37 -19.53 -2.67
C ALA A 356 29.72 -19.84 -2.04
N ILE A 357 29.74 -20.80 -1.12
CA ILE A 357 31.00 -21.20 -0.50
C ILE A 357 31.95 -21.79 -1.54
N SER A 358 31.42 -22.62 -2.44
CA SER A 358 32.26 -23.24 -3.45
C SER A 358 32.88 -22.19 -4.37
N ARG A 359 32.09 -21.21 -4.81
CA ARG A 359 32.64 -20.19 -5.71
C ARG A 359 33.60 -19.25 -4.98
N ALA A 360 33.35 -18.96 -3.71
CA ALA A 360 34.30 -18.17 -2.95
C ALA A 360 35.63 -18.89 -2.80
N LEU A 361 35.58 -20.19 -2.51
CA LEU A 361 36.81 -20.97 -2.42
C LEU A 361 37.51 -21.08 -3.76
N GLU A 362 36.74 -21.17 -4.85
CA GLU A 362 37.34 -21.15 -6.19
C GLU A 362 38.07 -19.83 -6.43
N LYS A 363 37.45 -18.72 -6.07
CA LYS A 363 38.04 -17.41 -6.32
C LYS A 363 39.20 -17.10 -5.36
N GLU A 364 39.29 -17.82 -4.24
CA GLU A 364 40.36 -17.58 -3.27
C GLU A 364 41.33 -18.76 -3.17
N GLY A 365 41.55 -19.46 -4.28
CA GLY A 365 42.57 -20.50 -4.33
C GLY A 365 42.36 -21.65 -3.37
N LEU A 366 41.12 -22.10 -3.22
CA LEU A 366 40.81 -23.25 -2.39
C LEU A 366 39.95 -24.30 -3.06
N LYS A 367 39.28 -23.97 -4.16
CA LYS A 367 38.44 -24.92 -4.89
C LYS A 367 38.71 -24.80 -6.38
N ASP A 368 38.50 -25.91 -7.09
CA ASP A 368 38.63 -25.96 -8.54
C ASP A 368 37.38 -26.53 -9.21
N LYS A 369 36.23 -26.42 -8.55
CA LYS A 369 34.95 -26.94 -9.01
C LYS A 369 34.94 -28.46 -9.17
N LYS A 370 35.99 -29.14 -8.72
CA LYS A 370 36.08 -30.60 -8.81
C LYS A 370 36.24 -31.26 -7.46
N SER A 371 37.06 -30.69 -6.58
CA SER A 371 37.28 -31.31 -5.28
C SER A 371 36.03 -31.22 -4.42
N PRO A 372 35.71 -32.27 -3.66
CA PRO A 372 34.54 -32.21 -2.79
C PRO A 372 34.75 -31.22 -1.64
N LEU A 373 33.63 -30.67 -1.17
CA LEU A 373 33.67 -29.70 -0.08
C LEU A 373 33.96 -30.44 1.22
N ASN A 374 35.18 -30.27 1.74
CA ASN A 374 35.62 -31.07 2.88
C ASN A 374 34.88 -30.71 4.16
N LEU A 375 34.35 -29.50 4.25
CA LEU A 375 33.65 -29.09 5.47
C LEU A 375 32.38 -29.91 5.65
N SER A 376 32.13 -30.34 6.89
CA SER A 376 30.99 -31.19 7.17
C SER A 376 29.69 -30.40 7.06
N PRO A 377 28.56 -31.08 6.82
CA PRO A 377 27.28 -30.38 6.79
C PRO A 377 26.97 -29.63 8.07
N GLU A 378 27.34 -30.20 9.22
CA GLU A 378 27.21 -29.47 10.48
C GLU A 378 28.13 -28.26 10.50
N LEU A 379 29.33 -28.41 9.95
CA LEU A 379 30.26 -27.27 9.85
C LEU A 379 29.70 -26.20 8.92
N GLN A 380 29.07 -26.59 7.81
CA GLN A 380 28.40 -25.63 6.95
C GLN A 380 27.27 -24.92 7.67
N ASP A 381 26.50 -25.66 8.47
CA ASP A 381 25.44 -25.05 9.26
C ASP A 381 26.01 -24.03 10.24
N GLU A 382 27.11 -24.37 10.91
CA GLU A 382 27.73 -23.44 11.85
C GLU A 382 28.23 -22.19 11.14
N ILE A 383 28.84 -22.36 9.96
CA ILE A 383 29.33 -21.21 9.20
C ILE A 383 28.17 -20.32 8.79
N GLY A 384 27.08 -20.92 8.31
CA GLY A 384 25.93 -20.14 7.91
C GLY A 384 25.30 -19.38 9.07
N THR A 385 25.18 -20.04 10.23
CA THR A 385 24.64 -19.38 11.40
C THR A 385 25.53 -18.23 11.85
N ALA A 386 26.85 -18.44 11.83
CA ALA A 386 27.77 -17.36 12.20
C ALA A 386 27.68 -16.19 11.24
N PHE A 387 27.53 -16.47 9.94
CA PHE A 387 27.46 -15.40 8.96
C PHE A 387 26.12 -14.67 9.01
N SER A 388 25.05 -15.35 9.39
CA SER A 388 23.72 -14.74 9.37
C SER A 388 23.36 -14.04 10.68
N LEU A 389 23.83 -14.55 11.82
CA LEU A 389 23.45 -13.97 13.11
C LEU A 389 24.06 -12.59 13.30
N PHE A 390 25.27 -12.37 12.80
CA PHE A 390 25.99 -11.11 12.98
C PHE A 390 25.98 -10.33 11.68
N LYS A 391 25.71 -9.03 11.78
CA LYS A 391 25.62 -8.14 10.63
C LYS A 391 26.92 -7.39 10.35
N THR A 392 28.00 -7.73 11.04
CA THR A 392 29.29 -7.07 10.85
C THR A 392 30.39 -8.10 10.76
N ASP A 393 31.48 -7.71 10.09
CA ASP A 393 32.60 -8.63 9.90
C ASP A 393 33.39 -8.83 11.19
N GLU A 394 33.50 -7.77 12.00
CA GLU A 394 34.34 -7.84 13.19
C GLU A 394 33.84 -8.89 14.18
N ASP A 395 32.53 -8.87 14.47
CA ASP A 395 31.97 -9.84 15.41
C ASP A 395 32.09 -11.26 14.88
N ILE A 396 31.82 -11.45 13.58
CA ILE A 396 31.93 -12.79 13.00
C ILE A 396 33.35 -13.32 13.15
N THR A 397 34.34 -12.52 12.73
CA THR A 397 35.72 -12.96 12.81
C THR A 397 36.16 -13.19 14.24
N GLY A 398 35.71 -12.33 15.16
CA GLY A 398 36.10 -12.48 16.55
C GLY A 398 35.54 -13.74 17.19
N ARG A 399 34.26 -14.05 16.93
CA ARG A 399 33.62 -15.18 17.62
C ARG A 399 33.71 -16.46 16.80
N LEU A 400 33.02 -16.51 15.65
CA LEU A 400 32.94 -17.72 14.83
C LEU A 400 32.55 -18.96 15.63
N LYS A 401 32.07 -18.77 16.86
CA LYS A 401 31.97 -19.83 17.86
C LYS A 401 33.29 -20.56 18.08
N ASP A 402 34.42 -19.98 17.63
CA ASP A 402 35.75 -20.58 17.72
C ASP A 402 35.77 -21.98 17.13
N ARG A 403 35.52 -22.05 15.82
CA ARG A 403 35.28 -23.33 15.18
C ARG A 403 36.31 -23.69 14.11
N ILE A 404 36.52 -22.84 13.11
CA ILE A 404 37.14 -23.26 11.86
C ILE A 404 38.40 -22.44 11.60
N GLN A 405 39.20 -22.90 10.64
CA GLN A 405 40.49 -22.32 10.33
C GLN A 405 40.33 -20.92 9.72
N PRO A 406 41.36 -20.06 9.83
CA PRO A 406 41.20 -18.65 9.46
C PRO A 406 41.36 -18.33 7.98
N GLU A 407 42.19 -19.10 7.27
CA GLU A 407 42.45 -18.79 5.86
C GLU A 407 41.15 -18.73 5.07
N ILE A 408 40.33 -19.77 5.19
CA ILE A 408 39.02 -19.72 4.57
C ILE A 408 38.14 -18.66 5.21
N LEU A 409 38.47 -18.18 6.42
CA LEU A 409 37.70 -17.07 6.97
C LEU A 409 37.89 -15.80 6.16
N GLU A 410 39.14 -15.40 5.88
CA GLU A 410 39.26 -14.22 5.04
C GLU A 410 38.79 -14.52 3.62
N ALA A 411 38.95 -15.77 3.18
CA ALA A 411 38.44 -16.17 1.87
C ALA A 411 36.95 -15.88 1.75
N LEU A 412 36.16 -16.30 2.75
CA LEU A 412 34.73 -16.06 2.72
C LEU A 412 34.40 -14.59 2.93
N LEU A 413 35.02 -13.96 3.94
CA LEU A 413 34.70 -12.58 4.27
C LEU A 413 35.05 -11.62 3.14
N LYS A 414 35.91 -12.03 2.20
CA LYS A 414 36.18 -11.17 1.05
C LYS A 414 34.92 -10.95 0.21
N HIS A 415 34.10 -11.99 0.03
CA HIS A 415 32.96 -11.88 -0.87
C HIS A 415 31.64 -12.33 -0.24
N ILE A 416 31.70 -13.31 0.67
CA ILE A 416 30.48 -13.97 1.14
C ILE A 416 29.82 -13.10 2.22
N SER A 417 28.51 -12.89 2.06
CA SER A 417 27.69 -12.17 3.04
C SER A 417 26.32 -12.81 3.07
N PHE A 418 25.92 -13.34 4.23
CA PHE A 418 24.67 -14.06 4.39
C PHE A 418 23.78 -13.35 5.40
N ASP A 419 22.51 -13.17 5.05
CA ASP A 419 21.55 -12.54 5.95
C ASP A 419 20.15 -13.02 5.57
N LYS A 420 19.62 -13.99 6.32
CA LYS A 420 18.28 -14.53 6.09
C LYS A 420 17.94 -15.43 7.26
N PHE A 421 16.68 -15.89 7.28
CA PHE A 421 16.19 -16.74 8.35
C PHE A 421 15.08 -17.63 7.83
N VAL A 422 14.76 -18.67 8.59
CA VAL A 422 13.73 -19.64 8.22
C VAL A 422 12.66 -19.72 9.29
N GLN A 423 11.68 -20.60 9.11
CA GLN A 423 10.50 -20.70 9.96
C GLN A 423 10.64 -21.72 11.08
N ILE A 424 11.62 -22.61 11.01
CA ILE A 424 11.69 -23.69 12.04
C ILE A 424 12.96 -23.51 12.89
N SER A 425 12.96 -24.01 14.12
CA SER A 425 14.15 -23.94 14.98
C SER A 425 15.21 -24.93 14.50
N LEU A 426 16.49 -24.62 14.70
CA LEU A 426 17.60 -25.49 14.23
C LEU A 426 17.35 -26.93 14.69
N LYS A 427 17.57 -27.24 15.95
CA LYS A 427 17.43 -28.63 16.45
C LYS A 427 16.22 -29.29 15.78
N ALA A 428 15.04 -28.69 15.87
CA ALA A 428 13.84 -29.29 15.32
C ALA A 428 14.10 -29.82 13.91
N LEU A 429 14.73 -29.02 13.07
CA LEU A 429 15.08 -29.47 11.72
C LEU A 429 16.12 -30.59 11.77
N ARG A 430 17.13 -30.45 12.63
CA ARG A 430 18.20 -31.44 12.70
C ARG A 430 17.70 -32.78 13.22
N ARG A 431 16.55 -32.81 13.90
CA ARG A 431 15.94 -34.06 14.32
C ARG A 431 14.89 -34.57 13.33
N ILE A 432 14.18 -33.68 12.64
CA ILE A 432 13.20 -34.12 11.66
C ILE A 432 13.88 -34.70 10.43
N VAL A 433 15.00 -34.10 10.00
CA VAL A 433 15.68 -34.55 8.77
C VAL A 433 16.03 -36.04 8.81
N PRO A 434 16.60 -36.58 9.89
CA PRO A 434 16.87 -38.03 9.91
C PRO A 434 15.61 -38.87 9.73
N LEU A 435 14.47 -38.41 10.24
CA LEU A 435 13.21 -39.14 10.10
C LEU A 435 12.48 -38.83 8.81
N MET A 436 12.95 -37.86 8.03
CA MET A 436 12.27 -37.43 6.81
C MET A 436 13.04 -37.75 5.54
N GLU A 437 14.35 -37.99 5.64
CA GLU A 437 15.14 -38.33 4.45
C GLU A 437 14.66 -39.60 3.80
N GLN A 438 14.20 -40.57 4.61
CA GLN A 438 13.73 -41.85 4.08
C GLN A 438 12.43 -41.72 3.29
N GLY A 439 11.75 -40.58 3.36
CA GLY A 439 10.52 -40.35 2.63
C GLY A 439 9.34 -39.93 3.49
N LYS A 440 9.47 -39.85 4.80
CA LYS A 440 8.37 -39.44 5.66
C LYS A 440 8.38 -37.92 5.89
N THR A 459 -7.35 -21.92 22.90
CA THR A 459 -7.55 -22.10 24.33
C THR A 459 -9.02 -22.40 24.64
N GLU A 460 -9.49 -21.90 25.77
CA GLU A 460 -10.88 -22.10 26.15
C GLU A 460 -11.80 -21.26 25.28
N GLU A 461 -12.99 -21.82 24.99
CA GLU A 461 -13.97 -21.14 24.16
C GLU A 461 -14.91 -20.31 25.04
N LYS A 462 -15.14 -19.06 24.62
CA LYS A 462 -15.98 -18.12 25.35
C LYS A 462 -17.00 -17.52 24.39
N ILE A 463 -17.86 -16.66 24.92
CA ILE A 463 -18.94 -16.10 24.11
C ILE A 463 -18.40 -15.13 23.07
N TYR A 464 -17.43 -14.31 23.45
CA TYR A 464 -16.94 -13.22 22.61
C TYR A 464 -15.56 -13.53 22.07
N LEU A 465 -15.31 -13.14 20.84
CA LEU A 465 -14.05 -13.46 20.18
C LEU A 465 -12.91 -12.67 20.80
N PRO A 466 -11.76 -13.29 21.03
CA PRO A 466 -10.62 -12.57 21.62
C PRO A 466 -9.94 -11.69 20.57
N PRO A 467 -9.00 -10.83 20.99
CA PRO A 467 -8.27 -10.04 20.01
C PRO A 467 -7.47 -10.92 19.05
N ILE A 468 -7.35 -10.45 17.81
CA ILE A 468 -6.57 -11.18 16.81
C ILE A 468 -5.10 -11.19 17.22
N PRO A 469 -4.45 -12.34 17.29
CA PRO A 469 -3.04 -12.37 17.69
C PRO A 469 -2.15 -11.74 16.63
N ALA A 470 -1.45 -10.67 17.02
CA ALA A 470 -0.58 -9.97 16.09
C ALA A 470 0.59 -10.83 15.63
N ASP A 471 0.96 -11.84 16.41
CA ASP A 471 2.08 -12.70 16.02
C ASP A 471 1.70 -13.58 14.84
N GLU A 472 0.52 -14.20 14.89
CA GLU A 472 0.11 -15.11 13.82
C GLU A 472 -0.09 -14.36 12.50
N ILE A 473 -0.69 -13.18 12.55
CA ILE A 473 -0.94 -12.38 11.35
C ILE A 473 0.05 -11.23 11.39
N ARG A 474 1.20 -11.41 10.73
CA ARG A 474 2.20 -10.37 10.62
C ARG A 474 2.03 -9.55 9.35
N ASN A 475 0.81 -9.05 9.14
CA ASN A 475 0.50 -8.21 8.00
C ASN A 475 -0.43 -7.08 8.44
N PRO A 476 -0.04 -5.82 8.24
CA PRO A 476 -0.86 -4.72 8.77
C PRO A 476 -2.28 -4.68 8.20
N VAL A 477 -2.42 -4.78 6.88
CA VAL A 477 -3.73 -4.65 6.27
C VAL A 477 -4.65 -5.79 6.71
N VAL A 478 -4.13 -7.01 6.70
CA VAL A 478 -4.95 -8.15 7.11
C VAL A 478 -5.25 -8.07 8.60
N LEU A 479 -4.30 -7.63 9.40
CA LEU A 479 -4.56 -7.50 10.83
C LEU A 479 -5.67 -6.48 11.10
N ARG A 480 -5.64 -5.34 10.41
CA ARG A 480 -6.71 -4.36 10.57
C ARG A 480 -8.05 -4.92 10.13
N ALA A 481 -8.07 -5.60 8.97
CA ALA A 481 -9.32 -6.17 8.49
C ALA A 481 -9.87 -7.18 9.48
N LEU A 482 -9.01 -8.03 10.04
CA LEU A 482 -9.47 -9.05 10.97
C LEU A 482 -9.92 -8.44 12.29
N SER A 483 -9.25 -7.37 12.74
CA SER A 483 -9.69 -6.70 13.95
C SER A 483 -11.07 -6.07 13.77
N GLN A 484 -11.31 -5.45 12.61
CA GLN A 484 -12.64 -4.88 12.36
C GLN A 484 -13.69 -5.98 12.22
N ALA A 485 -13.32 -7.10 11.59
CA ALA A 485 -14.24 -8.23 11.51
C ALA A 485 -14.55 -8.78 12.90
N ARG A 486 -13.56 -8.84 13.78
CA ARG A 486 -13.79 -9.27 15.15
C ARG A 486 -14.70 -8.31 15.88
N LYS A 487 -14.53 -6.99 15.66
CA LYS A 487 -15.44 -6.02 16.24
C LYS A 487 -16.88 -6.27 15.78
N VAL A 488 -17.05 -6.53 14.49
CA VAL A 488 -18.38 -6.82 13.96
C VAL A 488 -18.95 -8.09 14.59
N ILE A 489 -18.14 -9.14 14.71
CA ILE A 489 -18.61 -10.39 15.28
C ILE A 489 -19.01 -10.20 16.73
N ASN A 490 -18.21 -9.44 17.49
CA ASN A 490 -18.55 -9.18 18.88
C ASN A 490 -19.84 -8.40 19.00
N GLY A 491 -20.04 -7.40 18.15
CA GLY A 491 -21.29 -6.66 18.17
C GLY A 491 -22.48 -7.55 17.86
N VAL A 492 -22.34 -8.42 16.87
CA VAL A 492 -23.41 -9.36 16.53
C VAL A 492 -23.73 -10.27 17.71
N VAL A 493 -22.68 -10.81 18.35
CA VAL A 493 -22.87 -11.73 19.46
C VAL A 493 -23.54 -11.02 20.62
N ARG A 494 -23.12 -9.79 20.91
CA ARG A 494 -23.74 -9.01 21.97
C ARG A 494 -25.21 -8.77 21.70
N ARG A 495 -25.55 -8.39 20.47
CA ARG A 495 -26.94 -8.03 20.18
C ARG A 495 -27.85 -9.25 20.13
N TYR A 496 -27.42 -10.31 19.45
CA TYR A 496 -28.31 -11.43 19.15
C TYR A 496 -27.94 -12.73 19.85
N GLY A 497 -26.66 -12.99 20.08
CA GLY A 497 -26.23 -14.21 20.71
C GLY A 497 -25.18 -14.91 19.89
N SER A 498 -24.80 -16.11 20.34
CA SER A 498 -23.73 -16.84 19.68
C SER A 498 -24.18 -17.32 18.31
N PRO A 499 -23.39 -17.09 17.26
CA PRO A 499 -23.78 -17.60 15.94
C PRO A 499 -23.62 -19.11 15.87
N ALA A 500 -24.55 -19.77 15.18
CA ALA A 500 -24.45 -21.21 15.02
C ALA A 500 -23.34 -21.61 14.07
N ARG A 501 -22.93 -20.72 13.18
CA ARG A 501 -21.91 -21.04 12.19
C ARG A 501 -21.37 -19.73 11.62
N ILE A 502 -20.19 -19.80 11.02
CA ILE A 502 -19.53 -18.64 10.44
C ILE A 502 -19.13 -18.98 9.02
N HIS A 503 -19.37 -18.06 8.09
CA HIS A 503 -19.18 -18.28 6.66
C HIS A 503 -18.29 -17.21 6.07
N ILE A 504 -17.15 -16.96 6.71
CA ILE A 504 -16.22 -15.95 6.22
C ILE A 504 -15.75 -16.30 4.81
N GLU A 505 -15.54 -15.26 4.00
CA GLU A 505 -14.75 -15.37 2.79
C GLU A 505 -14.21 -14.00 2.46
N THR A 506 -12.93 -13.92 2.12
CA THR A 506 -12.27 -12.66 1.87
C THR A 506 -12.02 -12.47 0.38
N ALA A 507 -11.80 -11.22 0.00
CA ALA A 507 -11.54 -10.91 -1.40
C ALA A 507 -10.17 -11.46 -1.81
N ARG A 508 -10.00 -11.64 -3.11
CA ARG A 508 -8.74 -12.15 -3.65
C ARG A 508 -7.60 -11.16 -3.50
N GLU A 509 -7.84 -10.00 -2.88
CA GLU A 509 -6.79 -9.00 -2.67
C GLU A 509 -6.15 -9.07 -1.30
N VAL A 510 -6.84 -9.63 -0.31
CA VAL A 510 -6.31 -9.73 1.04
C VAL A 510 -5.27 -10.84 1.08
N GLY A 511 -4.13 -10.55 1.69
CA GLY A 511 -3.01 -11.47 1.71
C GLY A 511 -2.01 -11.26 0.60
N LYS A 512 -2.09 -10.15 -0.11
CA LYS A 512 -1.17 -9.84 -1.21
C LYS A 512 -0.47 -8.52 -0.91
N SER A 513 0.77 -8.41 -1.38
CA SER A 513 1.49 -7.16 -1.27
C SER A 513 0.81 -6.09 -2.12
N PHE A 514 1.17 -4.83 -1.84
CA PHE A 514 0.57 -3.73 -2.60
C PHE A 514 0.92 -3.82 -4.07
N LYS A 515 2.16 -4.19 -4.38
CA LYS A 515 2.53 -4.39 -5.78
C LYS A 515 1.73 -5.53 -6.39
N ASP A 516 1.45 -6.58 -5.60
CA ASP A 516 0.62 -7.67 -6.10
C ASP A 516 -0.80 -7.21 -6.39
N ARG A 517 -1.36 -6.38 -5.51
CA ARG A 517 -2.71 -5.85 -5.76
C ARG A 517 -2.74 -4.95 -6.99
N LYS A 518 -1.69 -4.13 -7.17
CA LYS A 518 -1.61 -3.31 -8.36
C LYS A 518 -1.49 -4.16 -9.62
N GLU A 519 -0.73 -5.25 -9.53
CA GLU A 519 -0.64 -6.18 -10.66
C GLU A 519 -2.00 -6.81 -10.97
N ILE A 520 -2.75 -7.16 -9.92
CA ILE A 520 -4.08 -7.75 -10.11
C ILE A 520 -5.01 -6.77 -10.81
N GLU A 521 -5.04 -5.52 -10.33
CA GLU A 521 -5.94 -4.55 -10.95
C GLU A 521 -5.50 -4.20 -12.36
N LYS A 522 -4.19 -4.15 -12.61
CA LYS A 522 -3.70 -3.92 -13.96
C LYS A 522 -4.13 -5.05 -14.89
N ARG A 523 -3.88 -6.29 -14.48
CA ARG A 523 -4.27 -7.43 -15.30
C ARG A 523 -5.77 -7.45 -15.53
N GLN A 524 -6.56 -7.00 -14.55
CA GLN A 524 -7.99 -6.84 -14.76
C GLN A 524 -8.27 -5.79 -15.83
N GLU A 525 -7.49 -4.71 -15.84
CA GLU A 525 -7.68 -3.67 -16.84
C GLU A 525 -7.42 -4.18 -18.26
N GLU A 526 -6.26 -4.81 -18.47
CA GLU A 526 -6.00 -5.37 -19.80
C GLU A 526 -6.92 -6.54 -20.12
N ASN A 527 -7.40 -7.24 -19.10
CA ASN A 527 -8.38 -8.32 -19.36
C ASN A 527 -9.67 -7.65 -19.82
N ARG A 528 -9.92 -6.41 -19.41
CA ARG A 528 -11.12 -5.68 -19.91
C ARG A 528 -10.87 -5.30 -21.37
N LYS A 529 -9.76 -4.63 -21.65
CA LYS A 529 -9.41 -4.30 -23.04
C LYS A 529 -9.57 -5.54 -23.90
N ASP A 530 -9.04 -6.67 -23.44
CA ASP A 530 -9.09 -7.87 -24.27
C ASP A 530 -10.52 -8.32 -24.50
N ARG A 531 -11.38 -8.19 -23.49
CA ARG A 531 -12.79 -8.53 -23.67
C ARG A 531 -13.45 -7.60 -24.68
N GLU A 532 -13.12 -6.31 -24.63
CA GLU A 532 -13.67 -5.37 -25.60
C GLU A 532 -13.21 -5.70 -27.02
N LYS A 533 -11.92 -6.03 -27.17
CA LYS A 533 -11.41 -6.42 -28.48
C LYS A 533 -12.05 -7.71 -28.97
N ALA A 534 -12.29 -8.66 -28.07
CA ALA A 534 -12.98 -9.89 -28.45
C ALA A 534 -14.40 -9.59 -28.91
N ALA A 535 -15.10 -8.70 -28.21
CA ALA A 535 -16.45 -8.31 -28.63
C ALA A 535 -16.41 -7.66 -30.00
N ALA A 536 -15.41 -6.82 -30.26
CA ALA A 536 -15.25 -6.21 -31.58
C ALA A 536 -15.03 -7.28 -32.63
N LYS A 537 -14.20 -8.28 -32.32
CA LYS A 537 -13.93 -9.39 -33.22
C LYS A 537 -15.19 -10.16 -33.54
N PHE A 538 -16.02 -10.41 -32.51
CA PHE A 538 -17.27 -11.13 -32.71
C PHE A 538 -18.26 -10.34 -33.55
N ARG A 539 -18.35 -9.03 -33.32
CA ARG A 539 -19.24 -8.21 -34.14
C ARG A 539 -18.77 -8.13 -35.58
N GLU A 540 -17.45 -8.04 -35.79
CA GLU A 540 -16.91 -8.05 -37.15
C GLU A 540 -17.20 -9.38 -37.84
N TYR A 541 -16.99 -10.50 -37.13
CA TYR A 541 -17.24 -11.81 -37.72
C TYR A 541 -18.72 -12.01 -38.02
N PHE A 542 -19.60 -11.56 -37.12
CA PHE A 542 -21.04 -11.74 -37.27
C PHE A 542 -21.74 -10.40 -37.07
N PRO A 543 -21.70 -9.53 -38.08
CA PRO A 543 -22.54 -8.32 -38.01
C PRO A 543 -24.03 -8.63 -38.00
N ASN A 544 -24.44 -9.76 -38.59
CA ASN A 544 -25.85 -10.11 -38.62
C ASN A 544 -26.39 -10.40 -37.23
N PHE A 545 -25.53 -10.83 -36.31
CA PHE A 545 -25.96 -11.09 -34.94
C PHE A 545 -26.48 -9.81 -34.30
N VAL A 546 -27.61 -9.93 -33.62
CA VAL A 546 -28.28 -8.78 -33.03
C VAL A 546 -28.05 -8.79 -31.52
N GLY A 547 -28.44 -7.69 -30.87
CA GLY A 547 -28.23 -7.59 -29.44
C GLY A 547 -26.77 -7.30 -29.10
N GLU A 548 -26.44 -7.57 -27.84
CA GLU A 548 -25.10 -7.35 -27.34
C GLU A 548 -24.41 -8.67 -27.06
N PRO A 549 -23.18 -8.86 -27.51
CA PRO A 549 -22.48 -10.13 -27.23
C PRO A 549 -22.25 -10.32 -25.74
N LYS A 550 -22.88 -11.37 -25.19
CA LYS A 550 -22.73 -11.69 -23.77
C LYS A 550 -21.43 -12.45 -23.54
N SER A 551 -21.27 -13.03 -22.35
CA SER A 551 -20.08 -13.82 -22.08
C SER A 551 -20.11 -15.18 -22.75
N LYS A 552 -21.30 -15.80 -22.85
CA LYS A 552 -21.38 -17.16 -23.37
C LYS A 552 -20.97 -17.23 -24.83
N ASP A 553 -21.52 -16.35 -25.66
CA ASP A 553 -21.25 -16.41 -27.09
C ASP A 553 -19.82 -15.97 -27.41
N ILE A 554 -19.31 -14.98 -26.67
CA ILE A 554 -17.94 -14.52 -26.91
C ILE A 554 -16.98 -15.63 -26.50
N LEU A 555 -17.30 -16.33 -25.41
CA LEU A 555 -16.48 -17.48 -25.02
C LEU A 555 -16.55 -18.57 -26.08
N LYS A 556 -17.75 -18.80 -26.64
CA LYS A 556 -17.93 -19.75 -27.73
C LYS A 556 -16.99 -19.44 -28.88
N LEU A 557 -17.01 -18.18 -29.34
CA LEU A 557 -16.20 -17.78 -30.48
C LEU A 557 -14.70 -17.87 -30.19
N ARG A 558 -14.27 -17.34 -29.04
CA ARG A 558 -12.85 -17.36 -28.71
C ARG A 558 -12.33 -18.79 -28.56
N LEU A 559 -13.10 -19.64 -27.88
CA LEU A 559 -12.68 -21.02 -27.68
C LEU A 559 -12.70 -21.79 -28.99
N TYR A 560 -13.68 -21.53 -29.86
CA TYR A 560 -13.71 -22.16 -31.17
C TYR A 560 -12.49 -21.76 -32.00
N GLU A 561 -12.08 -20.49 -31.89
CA GLU A 561 -10.82 -20.09 -32.50
C GLU A 561 -9.65 -20.86 -31.90
N GLN A 562 -9.67 -21.05 -30.58
CA GLN A 562 -8.64 -21.84 -29.93
C GLN A 562 -8.82 -23.35 -30.13
N GLN A 563 -10.02 -23.79 -30.52
CA GLN A 563 -10.29 -25.20 -30.74
C GLN A 563 -9.95 -25.63 -32.17
N HIS A 564 -9.46 -24.72 -33.01
CA HIS A 564 -9.04 -25.02 -34.38
C HIS A 564 -10.20 -25.56 -35.22
N GLY A 565 -11.40 -25.03 -35.00
CA GLY A 565 -12.55 -25.35 -35.85
C GLY A 565 -12.95 -26.81 -35.88
N LYS A 566 -13.10 -27.43 -34.71
CA LYS A 566 -13.49 -28.84 -34.66
C LYS A 566 -14.11 -29.13 -33.30
N CYS A 567 -15.23 -29.86 -33.30
CA CYS A 567 -15.87 -30.26 -32.05
C CYS A 567 -15.03 -31.32 -31.35
N LEU A 568 -15.03 -31.28 -30.01
CA LEU A 568 -14.21 -32.18 -29.20
C LEU A 568 -14.98 -33.37 -28.68
N TYR A 569 -16.00 -33.85 -29.41
CA TYR A 569 -16.62 -35.13 -29.12
C TYR A 569 -16.50 -36.10 -30.28
N SER A 570 -16.88 -35.68 -31.49
CA SER A 570 -16.81 -36.52 -32.67
C SER A 570 -15.74 -36.06 -33.65
N GLY A 571 -15.08 -34.93 -33.39
CA GLY A 571 -14.04 -34.46 -34.28
C GLY A 571 -14.52 -34.06 -35.66
N LYS A 572 -15.67 -33.41 -35.74
CA LYS A 572 -16.22 -32.96 -37.02
C LYS A 572 -16.00 -31.47 -37.19
N GLU A 573 -16.15 -31.01 -38.44
CA GLU A 573 -16.09 -29.59 -38.76
C GLU A 573 -17.49 -29.00 -38.63
N ILE A 574 -17.63 -28.00 -37.77
CA ILE A 574 -18.94 -27.48 -37.41
C ILE A 574 -19.16 -26.15 -38.13
N ASN A 575 -20.43 -25.81 -38.32
CA ASN A 575 -20.80 -24.63 -39.09
C ASN A 575 -20.58 -23.37 -38.26
N LEU A 576 -19.68 -22.50 -38.75
CA LEU A 576 -19.44 -21.23 -38.07
C LEU A 576 -20.67 -20.34 -38.09
N GLY A 577 -21.42 -20.35 -39.19
CA GLY A 577 -22.63 -19.55 -39.26
C GLY A 577 -23.66 -19.95 -38.23
N ARG A 578 -23.80 -21.25 -37.97
CA ARG A 578 -24.75 -21.76 -37.01
C ARG A 578 -24.23 -21.73 -35.58
N LEU A 579 -23.00 -21.25 -35.37
CA LEU A 579 -22.43 -21.18 -34.02
C LEU A 579 -23.24 -20.25 -33.13
N ASN A 580 -23.65 -19.09 -33.67
CA ASN A 580 -24.34 -18.10 -32.85
C ASN A 580 -25.69 -18.60 -32.35
N GLU A 581 -26.43 -19.31 -33.20
CA GLU A 581 -27.79 -19.71 -32.86
C GLU A 581 -27.79 -20.75 -31.73
N LYS A 582 -28.91 -20.79 -31.01
CA LYS A 582 -29.06 -21.73 -29.91
C LYS A 582 -29.50 -23.10 -30.42
N GLY A 583 -29.01 -24.15 -29.78
CA GLY A 583 -29.36 -25.50 -30.14
C GLY A 583 -28.27 -26.23 -30.88
N TYR A 584 -27.60 -25.54 -31.81
CA TYR A 584 -26.50 -26.16 -32.54
C TYR A 584 -25.32 -26.46 -31.63
N VAL A 585 -24.97 -25.52 -30.75
CA VAL A 585 -23.86 -25.65 -29.84
C VAL A 585 -24.29 -25.19 -28.46
N GLU A 586 -23.58 -25.67 -27.44
CA GLU A 586 -23.81 -25.26 -26.07
C GLU A 586 -22.59 -25.60 -25.23
N ILE A 587 -22.20 -24.68 -24.36
CA ILE A 587 -21.05 -24.90 -23.48
C ILE A 587 -21.41 -25.95 -22.45
N ASP A 588 -20.57 -26.97 -22.33
CA ASP A 588 -20.77 -28.05 -21.37
C ASP A 588 -19.45 -28.35 -20.69
N HIS A 589 -19.48 -28.45 -19.37
CA HIS A 589 -18.29 -28.87 -18.63
C HIS A 589 -18.10 -30.37 -18.82
N ALA A 590 -16.93 -30.76 -19.32
CA ALA A 590 -16.66 -32.18 -19.51
C ALA A 590 -16.67 -32.91 -18.16
N LEU A 591 -16.02 -32.33 -17.16
CA LEU A 591 -16.10 -32.87 -15.82
C LEU A 591 -17.44 -32.51 -15.20
N PRO A 592 -18.26 -33.49 -14.80
CA PRO A 592 -19.63 -33.18 -14.35
C PRO A 592 -19.62 -32.23 -13.16
N PHE A 593 -20.56 -31.29 -13.16
CA PHE A 593 -20.63 -30.28 -12.12
C PHE A 593 -21.11 -30.85 -10.79
N SER A 594 -22.03 -31.80 -10.81
CA SER A 594 -22.61 -32.31 -9.58
C SER A 594 -21.57 -33.04 -8.73
N ARG A 595 -20.72 -33.84 -9.37
CA ARG A 595 -19.78 -34.68 -8.63
C ARG A 595 -18.41 -34.04 -8.48
N THR A 596 -18.02 -33.15 -9.40
CA THR A 596 -16.73 -32.49 -9.34
C THR A 596 -16.79 -31.06 -8.83
N TRP A 597 -17.88 -30.34 -9.12
CA TRP A 597 -18.09 -28.98 -8.63
C TRP A 597 -17.01 -28.03 -9.15
N ASP A 598 -16.83 -28.03 -10.47
CA ASP A 598 -15.86 -27.16 -11.11
C ASP A 598 -16.55 -26.07 -11.91
N ASP A 599 -16.12 -24.82 -11.70
CA ASP A 599 -16.55 -23.67 -12.51
C ASP A 599 -15.33 -22.79 -12.77
N SER A 600 -14.62 -23.09 -13.85
CA SER A 600 -13.36 -22.45 -14.17
C SER A 600 -13.49 -21.63 -15.44
N PHE A 601 -12.48 -20.78 -15.68
CA PHE A 601 -12.51 -19.87 -16.81
C PHE A 601 -12.53 -20.62 -18.13
N ASN A 602 -11.73 -21.68 -18.25
CA ASN A 602 -11.60 -22.42 -19.50
C ASN A 602 -11.69 -23.91 -19.30
N ASN A 603 -12.39 -24.37 -18.26
CA ASN A 603 -12.66 -25.79 -18.09
C ASN A 603 -14.00 -26.16 -18.71
N LYS A 604 -14.17 -25.80 -19.98
CA LYS A 604 -15.41 -26.04 -20.71
C LYS A 604 -15.08 -26.51 -22.12
N VAL A 605 -15.88 -27.45 -22.62
CA VAL A 605 -15.66 -28.05 -23.92
C VAL A 605 -16.83 -27.67 -24.82
N LEU A 606 -16.52 -27.21 -26.03
CA LEU A 606 -17.53 -26.75 -26.99
C LEU A 606 -18.11 -27.97 -27.69
N VAL A 607 -19.17 -28.52 -27.10
CA VAL A 607 -19.85 -29.67 -27.66
C VAL A 607 -21.11 -29.20 -28.37
N LEU A 608 -21.50 -29.92 -29.43
CA LEU A 608 -22.65 -29.56 -30.22
C LEU A 608 -23.96 -29.64 -29.42
N GLY A 609 -24.31 -30.85 -29.00
CA GLY A 609 -25.61 -31.06 -28.39
C GLY A 609 -26.52 -31.85 -29.31
N SER A 610 -27.35 -32.72 -28.74
CA SER A 610 -28.21 -33.68 -29.42
C SER A 610 -27.42 -34.76 -30.14
N GLU A 611 -26.08 -34.69 -30.11
CA GLU A 611 -25.22 -35.74 -30.65
C GLU A 611 -24.36 -36.40 -29.59
N ASN A 612 -24.19 -35.78 -28.43
CA ASN A 612 -23.44 -36.35 -27.32
C ASN A 612 -24.15 -36.09 -25.99
N GLN A 613 -25.48 -36.18 -26.00
CA GLN A 613 -26.29 -35.93 -24.81
C GLN A 613 -26.31 -37.13 -23.87
N ASN A 614 -25.49 -38.15 -24.12
CA ASN A 614 -25.43 -39.34 -23.29
C ASN A 614 -24.26 -39.32 -22.31
N LYS A 615 -23.55 -38.19 -22.20
CA LYS A 615 -22.45 -38.11 -21.25
C LYS A 615 -22.93 -38.25 -19.82
N GLY A 616 -24.01 -37.58 -19.47
CA GLY A 616 -24.51 -37.63 -18.11
C GLY A 616 -23.50 -37.09 -17.12
N ASN A 617 -23.44 -37.73 -15.95
CA ASN A 617 -22.45 -37.42 -14.93
C ASN A 617 -21.31 -38.42 -14.91
N GLN A 618 -20.92 -38.93 -16.09
CA GLN A 618 -20.01 -40.06 -16.16
C GLN A 618 -18.56 -39.67 -16.37
N THR A 619 -18.27 -38.40 -16.74
CA THR A 619 -16.92 -37.89 -16.97
C THR A 619 -16.35 -38.51 -18.24
N PRO A 620 -15.54 -37.79 -19.02
CA PRO A 620 -14.96 -38.42 -20.21
C PRO A 620 -13.94 -39.49 -19.89
N TYR A 621 -14.38 -40.55 -19.24
CA TYR A 621 -13.63 -41.80 -19.09
C TYR A 621 -14.45 -43.02 -19.50
N GLU A 622 -15.75 -43.01 -19.22
CA GLU A 622 -16.63 -44.10 -19.60
C GLU A 622 -17.60 -43.74 -20.72
N TYR A 623 -17.81 -42.44 -20.99
CA TYR A 623 -18.57 -42.06 -22.17
C TYR A 623 -17.75 -42.26 -23.44
N PHE A 624 -16.47 -41.90 -23.39
CA PHE A 624 -15.54 -42.22 -24.47
C PHE A 624 -14.86 -43.57 -24.28
N ASN A 625 -15.20 -44.29 -23.20
CA ASN A 625 -14.70 -45.64 -22.95
C ASN A 625 -13.17 -45.66 -22.87
N GLY A 626 -12.63 -44.86 -21.94
CA GLY A 626 -11.22 -44.87 -21.64
C GLY A 626 -10.79 -45.96 -20.69
N LYS A 627 -11.73 -46.82 -20.27
CA LYS A 627 -11.39 -47.92 -19.39
C LYS A 627 -10.44 -48.91 -20.06
N ASP A 628 -10.67 -49.18 -21.35
CA ASP A 628 -9.88 -50.17 -22.09
C ASP A 628 -9.07 -49.54 -23.21
N ASN A 629 -8.86 -48.21 -23.15
CA ASN A 629 -8.15 -47.48 -24.19
C ASN A 629 -8.75 -47.75 -25.57
N SER A 630 -10.06 -47.59 -25.67
CA SER A 630 -10.74 -47.72 -26.94
C SER A 630 -10.23 -46.68 -27.93
N ARG A 631 -10.46 -46.95 -29.21
CA ARG A 631 -9.97 -46.05 -30.26
C ARG A 631 -10.49 -44.63 -30.06
N GLU A 632 -11.81 -44.50 -29.86
CA GLU A 632 -12.43 -43.20 -29.68
C GLU A 632 -11.69 -42.38 -28.62
N TRP A 633 -11.35 -43.03 -27.51
CA TRP A 633 -10.48 -42.43 -26.50
C TRP A 633 -9.17 -41.98 -27.10
N GLN A 634 -8.56 -42.80 -27.97
CA GLN A 634 -7.24 -42.46 -28.50
C GLN A 634 -7.29 -41.19 -29.33
N GLU A 635 -8.20 -41.12 -30.31
CA GLU A 635 -8.23 -39.88 -31.10
C GLU A 635 -8.79 -38.72 -30.29
N PHE A 636 -9.59 -38.98 -29.27
CA PHE A 636 -10.04 -37.90 -28.39
C PHE A 636 -8.85 -37.26 -27.67
N LYS A 637 -7.98 -38.10 -27.10
CA LYS A 637 -6.78 -37.57 -26.48
C LYS A 637 -5.90 -36.86 -27.49
N ALA A 638 -5.75 -37.44 -28.68
CA ALA A 638 -4.89 -36.83 -29.70
C ALA A 638 -5.41 -35.45 -30.10
N ARG A 639 -6.73 -35.32 -30.30
CA ARG A 639 -7.30 -34.04 -30.72
C ARG A 639 -7.32 -33.04 -29.58
N VAL A 640 -7.33 -33.48 -28.32
CA VAL A 640 -7.25 -32.53 -27.22
C VAL A 640 -5.81 -32.22 -26.81
N GLU A 641 -4.81 -32.90 -27.36
CA GLU A 641 -3.41 -32.55 -27.07
C GLU A 641 -2.66 -32.03 -28.29
N THR A 642 -2.84 -32.63 -29.47
CA THR A 642 -2.15 -32.11 -30.65
C THR A 642 -2.65 -30.71 -31.01
N SER A 643 -3.97 -30.53 -31.00
CA SER A 643 -4.54 -29.21 -31.27
C SER A 643 -4.23 -28.26 -30.11
N ARG A 644 -3.87 -27.03 -30.46
CA ARG A 644 -3.33 -26.08 -29.48
C ARG A 644 -4.45 -25.58 -28.58
N PHE A 645 -4.58 -26.22 -27.42
CA PHE A 645 -5.46 -25.81 -26.34
C PHE A 645 -4.62 -25.48 -25.11
N PRO A 646 -5.15 -24.71 -24.17
CA PRO A 646 -4.39 -24.43 -22.94
C PRO A 646 -4.02 -25.71 -22.20
N ARG A 647 -2.81 -25.71 -21.65
CA ARG A 647 -2.29 -26.92 -21.00
C ARG A 647 -3.13 -27.31 -19.79
N SER A 648 -3.55 -26.32 -19.00
CA SER A 648 -4.38 -26.61 -17.83
C SER A 648 -5.71 -27.23 -18.24
N LYS A 649 -6.32 -26.73 -19.32
CA LYS A 649 -7.54 -27.35 -19.83
C LYS A 649 -7.27 -28.76 -20.31
N LYS A 650 -6.15 -28.97 -21.03
CA LYS A 650 -5.79 -30.31 -21.47
C LYS A 650 -5.65 -31.25 -20.28
N GLN A 651 -5.20 -30.74 -19.14
CA GLN A 651 -4.98 -31.59 -17.98
C GLN A 651 -6.28 -31.86 -17.23
N ARG A 652 -7.09 -30.82 -16.97
CA ARG A 652 -8.31 -31.02 -16.19
C ARG A 652 -9.30 -31.90 -16.93
N ILE A 653 -9.44 -31.70 -18.25
CA ILE A 653 -10.35 -32.52 -19.04
C ILE A 653 -9.94 -33.98 -19.03
N LEU A 654 -8.65 -34.27 -18.83
CA LEU A 654 -8.11 -35.61 -18.99
C LEU A 654 -7.62 -36.21 -17.67
N LEU A 655 -8.20 -35.82 -16.53
CA LEU A 655 -7.84 -36.49 -15.28
C LEU A 655 -8.56 -37.82 -15.11
N GLN A 656 -9.88 -37.77 -14.92
CA GLN A 656 -10.72 -38.96 -14.72
C GLN A 656 -10.16 -39.91 -13.66
N LYS A 657 -9.24 -39.43 -12.82
CA LYS A 657 -8.57 -40.28 -11.84
C LYS A 657 -8.39 -39.58 -10.51
N PHE A 658 -9.31 -38.70 -10.15
CA PHE A 658 -9.20 -37.85 -8.96
C PHE A 658 -10.11 -38.37 -7.85
N ASP A 659 -9.97 -37.74 -6.69
CA ASP A 659 -10.88 -37.96 -5.57
C ASP A 659 -12.01 -36.94 -5.70
N GLU A 660 -13.22 -37.43 -5.98
CA GLU A 660 -14.33 -36.53 -6.31
C GLU A 660 -14.67 -35.61 -5.14
N ASP A 661 -14.75 -36.16 -3.93
CA ASP A 661 -15.10 -35.33 -2.77
C ASP A 661 -13.97 -34.39 -2.40
N GLY A 662 -12.72 -34.89 -2.41
CA GLY A 662 -11.59 -34.03 -2.10
C GLY A 662 -11.42 -32.91 -3.12
N PHE A 663 -11.56 -33.23 -4.41
CA PHE A 663 -11.42 -32.22 -5.44
C PHE A 663 -12.58 -31.22 -5.38
N LYS A 664 -13.79 -31.71 -5.09
CA LYS A 664 -14.94 -30.82 -4.91
C LYS A 664 -14.70 -29.86 -3.75
N GLU A 665 -14.18 -30.36 -2.63
CA GLU A 665 -13.90 -29.49 -1.50
C GLU A 665 -12.71 -28.56 -1.76
N ARG A 666 -11.82 -28.95 -2.67
CA ARG A 666 -10.74 -28.04 -3.06
C ARG A 666 -11.26 -26.90 -3.92
N ASN A 667 -12.24 -27.18 -4.78
CA ASN A 667 -12.86 -26.15 -5.60
C ASN A 667 -14.06 -25.48 -4.93
N LEU A 668 -14.39 -25.85 -3.70
CA LEU A 668 -15.52 -25.26 -2.97
C LEU A 668 -15.08 -24.34 -1.86
N ASN A 669 -14.11 -24.74 -1.05
CA ASN A 669 -13.60 -23.94 0.06
C ASN A 669 -12.42 -23.10 -0.42
N ASP A 670 -11.71 -22.50 0.53
CA ASP A 670 -10.45 -21.83 0.26
C ASP A 670 -9.47 -22.16 1.38
N THR A 671 -8.21 -22.36 1.02
CA THR A 671 -7.18 -22.78 1.96
C THR A 671 -6.00 -21.83 1.94
N ARG A 672 -6.28 -20.53 1.85
CA ARG A 672 -5.22 -19.54 2.00
C ARG A 672 -4.78 -19.48 3.47
N TYR A 673 -3.65 -18.82 3.70
CA TYR A 673 -3.15 -18.69 5.06
C TYR A 673 -4.14 -17.95 5.94
N VAL A 674 -4.71 -16.87 5.43
CA VAL A 674 -5.62 -16.04 6.22
C VAL A 674 -6.91 -16.81 6.53
N ASN A 675 -7.46 -17.53 5.54
CA ASN A 675 -8.70 -18.26 5.77
C ASN A 675 -8.47 -19.44 6.70
N ARG A 676 -7.35 -20.14 6.55
CA ARG A 676 -7.03 -21.23 7.47
C ARG A 676 -6.87 -20.71 8.90
N PHE A 677 -6.18 -19.58 9.06
CA PHE A 677 -6.02 -18.98 10.38
C PHE A 677 -7.36 -18.58 10.97
N LEU A 678 -8.23 -17.97 10.16
CA LEU A 678 -9.56 -17.60 10.65
C LEU A 678 -10.34 -18.82 11.08
N CYS A 679 -10.31 -19.88 10.28
CA CYS A 679 -11.04 -21.09 10.65
C CYS A 679 -10.56 -21.63 11.98
N GLN A 680 -9.25 -21.83 12.12
CA GLN A 680 -8.74 -22.41 13.36
C GLN A 680 -9.00 -21.50 14.56
N PHE A 681 -8.77 -20.19 14.39
CA PHE A 681 -8.88 -19.25 15.51
C PHE A 681 -10.33 -19.10 15.97
N VAL A 682 -11.25 -18.92 15.03
CA VAL A 682 -12.65 -18.76 15.39
C VAL A 682 -13.22 -20.06 15.95
N ALA A 683 -12.81 -21.21 15.40
CA ALA A 683 -13.28 -22.48 15.95
C ALA A 683 -12.77 -22.68 17.37
N ASP A 684 -11.52 -22.31 17.64
CA ASP A 684 -10.95 -22.55 18.95
C ASP A 684 -11.46 -21.57 20.00
N ARG A 685 -11.66 -20.30 19.64
CA ARG A 685 -11.75 -19.25 20.64
C ARG A 685 -13.11 -18.53 20.66
N MET A 686 -14.20 -19.22 20.32
CA MET A 686 -15.51 -18.64 20.57
C MET A 686 -16.58 -19.71 20.44
N ARG A 687 -17.75 -19.42 21.02
CA ARG A 687 -18.87 -20.33 20.98
C ARG A 687 -19.53 -20.32 19.60
N LEU A 688 -19.95 -21.51 19.16
CA LEU A 688 -20.74 -21.64 17.94
C LEU A 688 -21.72 -22.77 18.17
N THR A 689 -23.01 -22.45 18.24
CA THR A 689 -24.03 -23.45 18.56
C THR A 689 -24.46 -24.24 17.32
N GLY A 690 -23.49 -24.80 16.61
CA GLY A 690 -23.75 -25.54 15.39
C GLY A 690 -23.89 -27.03 15.60
N LYS A 691 -23.51 -27.79 14.58
CA LYS A 691 -23.59 -29.25 14.64
C LYS A 691 -22.41 -29.89 15.34
N GLY A 692 -21.41 -29.10 15.76
CA GLY A 692 -20.31 -29.61 16.55
C GLY A 692 -19.16 -30.20 15.78
N LYS A 693 -19.21 -30.21 14.44
CA LYS A 693 -18.14 -30.79 13.65
C LYS A 693 -17.23 -29.74 13.01
N LYS A 694 -17.81 -28.78 12.29
CA LYS A 694 -17.01 -27.71 11.67
C LYS A 694 -17.96 -26.54 11.47
N ARG A 695 -17.89 -25.55 12.35
CA ARG A 695 -18.83 -24.44 12.37
C ARG A 695 -18.25 -23.16 11.77
N VAL A 696 -17.10 -23.24 11.11
CA VAL A 696 -16.55 -22.11 10.39
C VAL A 696 -16.27 -22.57 8.96
N PHE A 697 -16.88 -21.89 8.00
CA PHE A 697 -16.86 -22.31 6.59
C PHE A 697 -16.28 -21.18 5.76
N ALA A 698 -15.00 -21.30 5.38
CA ALA A 698 -14.36 -20.34 4.50
C ALA A 698 -14.64 -20.73 3.06
N SER A 699 -15.28 -19.83 2.32
CA SER A 699 -15.72 -20.11 0.97
C SER A 699 -14.72 -19.58 -0.06
N ASN A 700 -14.95 -19.95 -1.31
CA ASN A 700 -14.12 -19.54 -2.43
C ASN A 700 -14.84 -18.48 -3.26
N GLY A 701 -14.05 -17.60 -3.87
CA GLY A 701 -14.63 -16.50 -4.63
C GLY A 701 -15.46 -16.96 -5.81
N GLN A 702 -14.98 -17.98 -6.53
CA GLN A 702 -15.67 -18.43 -7.73
C GLN A 702 -17.06 -18.97 -7.41
N ILE A 703 -17.18 -19.76 -6.34
CA ILE A 703 -18.48 -20.33 -5.99
C ILE A 703 -19.43 -19.24 -5.52
N THR A 704 -18.92 -18.25 -4.79
CA THR A 704 -19.77 -17.14 -4.37
C THR A 704 -20.27 -16.35 -5.57
N ASN A 705 -19.39 -16.10 -6.55
CA ASN A 705 -19.82 -15.40 -7.76
C ASN A 705 -20.85 -16.23 -8.53
N LEU A 706 -20.65 -17.54 -8.58
CA LEU A 706 -21.59 -18.41 -9.29
C LEU A 706 -22.96 -18.37 -8.64
N LEU A 707 -23.01 -18.51 -7.31
CA LEU A 707 -24.29 -18.48 -6.62
C LEU A 707 -24.92 -17.09 -6.64
N ARG A 708 -24.09 -16.05 -6.72
CA ARG A 708 -24.61 -14.71 -6.95
C ARG A 708 -25.29 -14.62 -8.30
N GLY A 709 -24.68 -15.22 -9.32
CA GLY A 709 -25.30 -15.22 -10.64
C GLY A 709 -26.59 -16.02 -10.69
N PHE A 710 -26.62 -17.18 -10.03
CA PHE A 710 -27.82 -18.02 -10.08
C PHE A 710 -29.01 -17.34 -9.41
N TRP A 711 -28.77 -16.68 -8.27
CA TRP A 711 -29.86 -16.11 -7.48
C TRP A 711 -30.30 -14.74 -7.97
N GLY A 712 -29.81 -14.30 -9.13
CA GLY A 712 -30.28 -13.06 -9.72
C GLY A 712 -29.67 -11.80 -9.13
N LEU A 713 -28.36 -11.62 -9.28
CA LEU A 713 -27.73 -10.40 -8.77
C LEU A 713 -28.18 -9.18 -9.56
N ARG A 714 -27.92 -9.16 -10.87
CA ARG A 714 -28.22 -8.02 -11.74
C ARG A 714 -27.80 -6.69 -11.12
N LYS A 715 -28.57 -5.64 -11.41
CA LYS A 715 -28.41 -4.31 -10.82
C LYS A 715 -26.98 -3.81 -10.97
N VAL A 716 -26.51 -3.03 -9.99
CA VAL A 716 -25.23 -2.34 -10.07
C VAL A 716 -24.37 -2.73 -8.88
N ARG A 717 -23.06 -2.54 -9.05
CA ARG A 717 -22.09 -2.83 -8.01
C ARG A 717 -20.82 -2.05 -8.29
N ALA A 718 -19.98 -1.94 -7.26
CA ALA A 718 -18.66 -1.29 -7.30
C ALA A 718 -18.79 0.22 -7.41
N GLU A 719 -20.01 0.71 -7.59
CA GLU A 719 -20.32 2.14 -7.47
C GLU A 719 -20.93 2.46 -6.12
N ASN A 720 -21.04 1.47 -5.24
CA ASN A 720 -21.68 1.61 -3.94
C ASN A 720 -20.88 0.79 -2.93
N ASP A 721 -21.18 1.00 -1.65
CA ASP A 721 -20.53 0.25 -0.58
C ASP A 721 -21.47 -0.70 0.12
N ARG A 722 -22.53 -1.14 -0.56
CA ARG A 722 -23.47 -2.10 0.00
C ARG A 722 -23.46 -3.43 -0.73
N HIS A 723 -22.76 -3.53 -1.86
CA HIS A 723 -22.52 -4.85 -2.45
C HIS A 723 -21.70 -5.73 -1.53
N HIS A 724 -20.96 -5.13 -0.59
CA HIS A 724 -20.30 -5.93 0.44
C HIS A 724 -21.32 -6.69 1.26
N ALA A 725 -22.36 -6.00 1.75
CA ALA A 725 -23.43 -6.68 2.47
C ALA A 725 -24.17 -7.64 1.56
N LEU A 726 -24.28 -7.33 0.28
CA LEU A 726 -24.93 -8.25 -0.65
C LEU A 726 -24.19 -9.58 -0.71
N ASP A 727 -22.86 -9.53 -0.94
CA ASP A 727 -22.08 -10.75 -0.98
C ASP A 727 -22.03 -11.44 0.39
N ALA A 728 -22.11 -10.67 1.47
CA ALA A 728 -22.15 -11.27 2.80
C ALA A 728 -23.46 -12.03 3.02
N VAL A 729 -24.56 -11.53 2.47
CA VAL A 729 -25.82 -12.27 2.54
C VAL A 729 -25.74 -13.52 1.66
N VAL A 730 -25.12 -13.39 0.49
CA VAL A 730 -25.03 -14.52 -0.43
C VAL A 730 -24.23 -15.66 0.19
N VAL A 731 -23.07 -15.35 0.79
CA VAL A 731 -22.25 -16.39 1.37
C VAL A 731 -22.90 -16.98 2.60
N ALA A 732 -23.68 -16.21 3.34
CA ALA A 732 -24.34 -16.73 4.53
C ALA A 732 -25.50 -17.66 4.19
N CYS A 733 -25.91 -17.73 2.92
CA CYS A 733 -26.91 -18.68 2.46
C CYS A 733 -26.29 -19.86 1.73
N SER A 734 -24.96 -19.95 1.71
CA SER A 734 -24.27 -21.08 1.06
C SER A 734 -23.99 -22.20 2.06
N THR A 735 -25.05 -22.64 2.75
CA THR A 735 -24.92 -23.73 3.71
C THR A 735 -24.74 -25.05 2.98
N VAL A 736 -24.32 -26.08 3.69
CA VAL A 736 -24.05 -27.39 3.01
C VAL A 736 -25.35 -27.93 2.42
N ALA A 737 -26.46 -27.73 3.10
CA ALA A 737 -27.76 -28.18 2.55
C ALA A 737 -27.95 -27.50 1.20
N MET A 738 -27.53 -26.25 1.05
CA MET A 738 -27.79 -25.53 -0.22
C MET A 738 -26.84 -26.07 -1.29
N GLN A 739 -25.59 -26.35 -0.97
CA GLN A 739 -24.67 -26.98 -1.96
C GLN A 739 -25.29 -28.30 -2.37
N GLN A 740 -26.03 -28.97 -1.49
CA GLN A 740 -26.69 -30.25 -1.84
C GLN A 740 -27.88 -30.00 -2.77
N LYS A 741 -28.72 -29.04 -2.45
CA LYS A 741 -29.87 -28.70 -3.31
C LYS A 741 -29.32 -28.28 -4.67
N ILE A 742 -28.19 -27.60 -4.69
CA ILE A 742 -27.58 -27.27 -5.97
C ILE A 742 -27.06 -28.54 -6.64
N THR A 743 -26.44 -29.43 -5.86
CA THR A 743 -25.88 -30.65 -6.41
C THR A 743 -26.97 -31.52 -7.04
N ARG A 744 -28.08 -31.71 -6.33
CA ARG A 744 -29.14 -32.56 -6.89
C ARG A 744 -29.81 -31.89 -8.08
N PHE A 745 -29.97 -30.56 -8.05
CA PHE A 745 -30.55 -29.89 -9.22
C PHE A 745 -29.65 -30.01 -10.44
N VAL A 746 -28.34 -29.82 -10.26
CA VAL A 746 -27.42 -29.95 -11.38
C VAL A 746 -27.35 -31.39 -11.87
N ARG A 747 -27.45 -32.36 -10.96
CA ARG A 747 -27.49 -33.75 -11.37
C ARG A 747 -28.73 -34.05 -12.19
N TYR A 748 -29.88 -33.50 -11.79
CA TYR A 748 -31.07 -33.60 -12.61
C TYR A 748 -30.88 -32.92 -13.96
N LYS A 749 -30.07 -31.87 -14.00
CA LYS A 749 -29.94 -31.11 -15.27
C LYS A 749 -28.90 -31.75 -16.20
N GLU A 750 -27.98 -32.55 -15.70
CA GLU A 750 -26.91 -33.06 -16.54
C GLU A 750 -27.44 -33.94 -17.66
N MET A 751 -28.04 -35.07 -17.32
CA MET A 751 -28.81 -35.77 -18.34
C MET A 751 -30.15 -35.09 -18.55
N ASN A 752 -30.83 -35.45 -19.63
CA ASN A 752 -32.06 -34.77 -20.00
C ASN A 752 -33.09 -34.82 -18.87
N ALA A 753 -33.38 -36.02 -18.38
CA ALA A 753 -34.29 -36.22 -17.25
C ALA A 753 -35.63 -35.50 -17.45
N PHE A 754 -36.03 -35.34 -18.71
CA PHE A 754 -37.26 -34.63 -19.03
C PHE A 754 -38.20 -35.51 -19.83
N LYS A 770 -40.50 -21.80 -16.47
CA LYS A 770 -39.08 -21.70 -16.17
C LYS A 770 -38.77 -22.25 -14.79
N THR A 771 -38.13 -23.43 -14.75
CA THR A 771 -37.76 -24.06 -13.48
C THR A 771 -36.68 -23.23 -12.81
N HIS A 772 -37.05 -22.52 -11.74
CA HIS A 772 -36.10 -21.66 -11.05
C HIS A 772 -34.98 -22.48 -10.44
N PHE A 773 -33.76 -21.93 -10.51
CA PHE A 773 -32.63 -22.53 -9.83
C PHE A 773 -32.84 -22.45 -8.33
N PRO A 774 -32.32 -23.42 -7.55
CA PRO A 774 -32.52 -23.40 -6.10
C PRO A 774 -32.19 -22.06 -5.43
N GLN A 775 -33.23 -21.41 -4.88
CA GLN A 775 -33.13 -20.17 -4.13
C GLN A 775 -33.29 -20.45 -2.64
N PRO A 776 -32.61 -19.69 -1.77
CA PRO A 776 -32.78 -19.90 -0.32
C PRO A 776 -34.22 -19.75 0.14
N TRP A 777 -34.98 -18.86 -0.48
CA TRP A 777 -36.40 -18.71 -0.19
C TRP A 777 -37.04 -18.01 -1.38
N GLU A 778 -38.37 -18.03 -1.41
CA GLU A 778 -39.08 -17.36 -2.48
C GLU A 778 -38.78 -15.87 -2.49
N PHE A 779 -38.63 -15.31 -3.69
CA PHE A 779 -38.29 -13.90 -3.87
C PHE A 779 -37.01 -13.54 -3.12
N PHE A 780 -36.01 -14.40 -3.20
CA PHE A 780 -34.75 -14.14 -2.51
C PHE A 780 -34.08 -12.87 -3.02
N ALA A 781 -33.98 -12.73 -4.35
CA ALA A 781 -33.33 -11.57 -4.91
C ALA A 781 -34.05 -10.28 -4.55
N GLN A 782 -35.39 -10.28 -4.63
CA GLN A 782 -36.15 -9.08 -4.33
C GLN A 782 -35.94 -8.67 -2.87
N GLU A 783 -36.08 -9.61 -1.95
CA GLU A 783 -35.90 -9.28 -0.54
C GLU A 783 -34.48 -8.81 -0.25
N VAL A 784 -33.49 -9.50 -0.81
CA VAL A 784 -32.10 -9.15 -0.49
C VAL A 784 -31.75 -7.78 -1.05
N MET A 785 -32.28 -7.43 -2.22
CA MET A 785 -31.88 -6.16 -2.81
C MET A 785 -32.74 -5.01 -2.29
N ILE A 786 -33.92 -5.31 -1.76
CA ILE A 786 -34.66 -4.28 -1.02
C ILE A 786 -33.97 -4.00 0.30
N ARG A 787 -33.51 -5.05 1.00
CA ARG A 787 -32.89 -4.85 2.32
C ARG A 787 -31.52 -4.22 2.19
N VAL A 788 -30.75 -4.60 1.18
CA VAL A 788 -29.40 -4.04 1.01
C VAL A 788 -29.48 -2.60 0.52
N PHE A 789 -30.03 -2.39 -0.67
CA PHE A 789 -29.97 -1.09 -1.32
C PHE A 789 -31.15 -0.20 -0.99
N GLY A 790 -32.32 -0.76 -0.73
CA GLY A 790 -33.51 0.03 -0.49
C GLY A 790 -34.33 0.33 -1.72
N LYS A 791 -33.87 -0.07 -2.91
CA LYS A 791 -34.59 0.11 -4.15
C LYS A 791 -34.81 -1.23 -4.85
N PRO A 792 -35.92 -1.39 -5.56
CA PRO A 792 -36.19 -2.66 -6.24
C PRO A 792 -35.13 -3.03 -7.26
N ASP A 793 -35.23 -4.25 -7.76
CA ASP A 793 -34.24 -4.78 -8.69
C ASP A 793 -34.37 -4.12 -10.05
N GLY A 794 -33.21 -3.79 -10.64
CA GLY A 794 -33.14 -3.24 -11.98
C GLY A 794 -33.48 -1.78 -12.12
N LYS A 795 -33.84 -1.11 -11.02
CA LYS A 795 -34.33 0.27 -11.05
C LYS A 795 -33.56 1.08 -10.02
N PRO A 796 -32.33 1.49 -10.34
CA PRO A 796 -31.52 2.25 -9.38
C PRO A 796 -31.85 3.73 -9.36
N GLU A 797 -33.00 4.11 -9.94
CA GLU A 797 -33.40 5.50 -9.99
C GLU A 797 -34.40 5.90 -8.91
N PHE A 798 -35.08 4.95 -8.28
CA PHE A 798 -36.01 5.28 -7.21
C PHE A 798 -35.28 5.86 -6.00
N GLU A 799 -36.03 6.64 -5.22
CA GLU A 799 -35.50 7.16 -3.97
C GLU A 799 -35.27 6.02 -2.98
N GLU A 800 -34.14 6.07 -2.28
CA GLU A 800 -33.84 5.05 -1.28
C GLU A 800 -34.78 5.17 -0.10
N ALA A 801 -35.27 4.03 0.38
CA ALA A 801 -36.12 3.99 1.57
C ALA A 801 -35.20 3.88 2.79
N ASP A 802 -34.79 5.04 3.31
CA ASP A 802 -33.75 5.10 4.33
C ASP A 802 -34.30 5.33 5.74
N THR A 803 -35.58 5.05 5.96
CA THR A 803 -36.15 5.03 7.30
C THR A 803 -36.91 3.72 7.49
N LEU A 804 -37.10 3.34 8.76
CA LEU A 804 -37.75 2.06 9.04
C LEU A 804 -39.18 2.04 8.51
N GLU A 805 -39.89 3.16 8.63
CA GLU A 805 -41.30 3.19 8.21
C GLU A 805 -41.43 2.98 6.71
N LYS A 806 -40.69 3.76 5.92
CA LYS A 806 -40.82 3.66 4.47
C LYS A 806 -40.23 2.37 3.93
N LEU A 807 -39.14 1.89 4.53
CA LEU A 807 -38.58 0.60 4.11
C LEU A 807 -39.56 -0.53 4.41
N ARG A 808 -40.19 -0.50 5.59
CA ARG A 808 -41.18 -1.52 5.92
C ARG A 808 -42.37 -1.46 4.98
N THR A 809 -42.83 -0.25 4.65
CA THR A 809 -43.95 -0.12 3.73
C THR A 809 -43.59 -0.64 2.35
N LEU A 810 -42.37 -0.33 1.87
CA LEU A 810 -41.93 -0.83 0.57
C LEU A 810 -41.84 -2.34 0.56
N LEU A 811 -41.30 -2.93 1.64
CA LEU A 811 -41.22 -4.39 1.73
C LEU A 811 -42.61 -5.01 1.73
N ALA A 812 -43.54 -4.43 2.49
CA ALA A 812 -44.89 -4.99 2.56
C ALA A 812 -45.61 -4.88 1.23
N GLU A 813 -45.43 -3.77 0.51
CA GLU A 813 -46.15 -3.58 -0.74
C GLU A 813 -45.54 -4.40 -1.88
N LYS A 814 -44.21 -4.60 -1.88
CA LYS A 814 -43.58 -5.33 -2.96
C LYS A 814 -43.44 -6.82 -2.67
N LEU A 815 -43.49 -7.23 -1.40
CA LEU A 815 -43.34 -8.63 -1.01
C LEU A 815 -44.51 -9.06 -0.15
N SER A 816 -45.73 -8.75 -0.60
CA SER A 816 -46.91 -9.13 0.16
C SER A 816 -47.09 -10.64 0.26
N SER A 817 -46.51 -11.40 -0.68
CA SER A 817 -46.64 -12.85 -0.65
C SER A 817 -45.73 -13.51 0.38
N ARG A 818 -44.70 -12.80 0.86
CA ARG A 818 -43.76 -13.32 1.84
C ARG A 818 -43.80 -12.43 3.08
N PRO A 819 -44.63 -12.76 4.07
CA PRO A 819 -44.72 -11.92 5.27
C PRO A 819 -43.50 -11.98 6.16
N GLU A 820 -42.55 -12.87 5.89
CA GLU A 820 -41.36 -12.98 6.73
C GLU A 820 -40.28 -11.97 6.35
N ALA A 821 -40.50 -11.17 5.31
CA ALA A 821 -39.55 -10.12 4.97
C ALA A 821 -39.62 -8.95 5.94
N VAL A 822 -40.74 -8.77 6.63
CA VAL A 822 -40.94 -7.68 7.57
C VAL A 822 -40.96 -8.29 8.97
N HIS A 823 -39.85 -8.16 9.69
CA HIS A 823 -39.74 -8.60 11.06
C HIS A 823 -39.24 -7.44 11.92
N GLU A 824 -39.08 -7.70 13.22
CA GLU A 824 -38.73 -6.64 14.16
C GLU A 824 -37.33 -6.07 13.91
N TYR A 825 -36.49 -6.76 13.14
CA TYR A 825 -35.11 -6.36 12.94
C TYR A 825 -34.89 -5.78 11.54
N VAL A 826 -35.94 -5.26 10.92
CA VAL A 826 -35.85 -4.68 9.58
C VAL A 826 -35.45 -3.22 9.74
N THR A 827 -34.19 -2.90 9.44
CA THR A 827 -33.70 -1.54 9.48
C THR A 827 -32.94 -1.24 8.19
N PRO A 828 -33.01 0.00 7.71
CA PRO A 828 -32.24 0.35 6.51
C PRO A 828 -30.74 0.23 6.76
N LEU A 829 -30.03 -0.21 5.73
CA LEU A 829 -28.58 -0.32 5.82
C LEU A 829 -27.98 1.08 5.99
N PHE A 830 -27.08 1.22 6.95
CA PHE A 830 -26.28 2.42 7.13
C PHE A 830 -24.83 2.01 7.25
N VAL A 831 -24.03 2.33 6.23
CA VAL A 831 -22.63 1.94 6.23
C VAL A 831 -21.92 2.66 7.36
N SER A 832 -21.19 1.90 8.18
CA SER A 832 -20.50 2.44 9.34
C SER A 832 -19.02 2.62 9.01
N ARG A 833 -18.51 3.83 9.24
CA ARG A 833 -17.11 4.15 9.02
C ARG A 833 -16.38 4.14 10.36
N ALA A 834 -15.21 3.53 10.39
CA ALA A 834 -14.47 3.38 11.64
C ALA A 834 -14.03 4.75 12.15
N PRO A 835 -14.45 5.14 13.35
CA PRO A 835 -14.06 6.46 13.86
C PRO A 835 -12.56 6.58 14.05
N ASN A 836 -12.05 7.80 13.84
CA ASN A 836 -10.63 8.11 14.02
C ASN A 836 -10.56 9.34 14.91
N ARG A 837 -10.54 9.12 16.23
CA ARG A 837 -10.52 10.20 17.21
C ARG A 837 -9.10 10.48 17.72
N LYS A 838 -8.09 9.94 17.05
CA LYS A 838 -6.71 10.14 17.46
C LYS A 838 -6.31 11.60 17.33
N MET A 839 -5.44 12.05 18.23
CA MET A 839 -5.00 13.43 18.24
C MET A 839 -3.49 13.54 18.02
N SER A 840 -2.97 12.77 17.07
CA SER A 840 -1.56 12.85 16.74
C SER A 840 -1.40 12.65 15.23
N GLY A 841 -0.31 13.18 14.71
CA GLY A 841 -0.06 13.10 13.27
C GLY A 841 1.01 14.10 12.91
N GLN A 842 1.35 14.22 11.64
CA GLN A 842 2.47 15.12 11.27
C GLN A 842 2.13 16.51 11.81
N GLY A 843 3.09 17.16 12.43
CA GLY A 843 2.82 18.48 13.02
C GLY A 843 2.80 19.54 11.94
N HIS A 844 3.68 19.40 10.96
CA HIS A 844 3.79 20.43 9.91
C HIS A 844 4.49 19.86 8.67
N MET A 845 4.04 20.21 7.48
CA MET A 845 4.76 19.77 6.28
C MET A 845 6.27 19.80 6.51
N GLU A 846 7.01 19.11 5.65
CA GLU A 846 8.42 18.87 5.84
C GLU A 846 9.28 19.94 5.17
N THR A 847 8.66 20.95 4.58
CA THR A 847 9.38 22.06 3.94
C THR A 847 9.44 23.24 4.90
N VAL A 848 10.64 23.66 5.24
CA VAL A 848 10.85 24.81 6.11
C VAL A 848 11.10 26.03 5.24
N LYS A 849 10.26 27.05 5.38
CA LYS A 849 10.32 28.23 4.55
C LYS A 849 10.72 29.44 5.39
N SER A 850 11.59 30.27 4.82
CA SER A 850 12.05 31.46 5.53
C SER A 850 10.87 32.35 5.92
N ALA A 851 10.92 32.87 7.14
CA ALA A 851 9.80 33.63 7.69
C ALA A 851 10.21 35.02 8.17
N LYS A 852 11.32 35.56 7.67
CA LYS A 852 11.69 36.92 8.04
C LYS A 852 10.63 37.92 7.61
N ARG A 853 10.14 37.78 6.38
CA ARG A 853 9.09 38.65 5.85
C ARG A 853 7.71 38.06 6.08
N LEU A 854 7.40 37.69 7.33
CA LEU A 854 6.09 37.20 7.67
C LEU A 854 5.14 38.32 8.07
N ASP A 855 5.62 39.56 8.15
CA ASP A 855 4.72 40.70 8.33
C ASP A 855 3.78 40.81 7.15
N GLU A 856 4.29 40.66 5.93
CA GLU A 856 3.48 40.45 4.75
C GLU A 856 3.09 38.98 4.67
N GLY A 857 2.55 38.55 3.55
CA GLY A 857 2.24 37.15 3.39
C GLY A 857 3.33 36.30 2.76
N VAL A 858 4.45 36.90 2.37
CA VAL A 858 5.46 36.18 1.60
C VAL A 858 6.25 35.25 2.52
N SER A 859 6.71 34.14 1.94
CA SER A 859 7.39 33.06 2.65
C SER A 859 8.62 32.63 1.85
N VAL A 860 9.47 33.59 1.49
CA VAL A 860 10.58 33.41 0.56
C VAL A 860 11.31 32.08 0.77
N LEU A 861 11.59 31.39 -0.33
CA LEU A 861 12.17 30.05 -0.28
C LEU A 861 13.03 29.86 -1.52
N ARG A 862 14.06 29.02 -1.39
CA ARG A 862 14.98 28.74 -2.48
C ARG A 862 14.41 27.61 -3.33
N VAL A 863 14.16 27.90 -4.60
CA VAL A 863 13.61 26.94 -5.55
C VAL A 863 14.74 26.53 -6.50
N PRO A 864 15.06 25.24 -6.62
CA PRO A 864 16.08 24.83 -7.58
C PRO A 864 15.64 25.13 -9.01
N LEU A 865 16.62 25.45 -9.86
CA LEU A 865 16.30 25.87 -11.21
C LEU A 865 15.62 24.78 -12.03
N THR A 866 15.82 23.51 -11.68
CA THR A 866 15.17 22.42 -12.41
C THR A 866 13.68 22.34 -12.14
N GLN A 867 13.12 23.27 -11.36
CA GLN A 867 11.68 23.35 -11.14
C GLN A 867 11.11 24.74 -11.34
N LEU A 868 11.95 25.73 -11.68
CA LEU A 868 11.49 27.10 -11.88
C LEU A 868 10.60 27.16 -13.11
N LYS A 869 9.31 27.36 -12.90
CA LYS A 869 8.38 27.52 -13.99
C LYS A 869 8.19 29.01 -14.31
N LEU A 870 7.39 29.30 -15.34
CA LEU A 870 7.06 30.69 -15.63
C LEU A 870 6.21 31.29 -14.52
N LYS A 871 5.38 30.49 -13.87
CA LYS A 871 4.56 30.98 -12.77
C LYS A 871 5.40 31.26 -11.53
N ASP A 872 6.63 30.73 -11.45
CA ASP A 872 7.51 31.01 -10.33
C ASP A 872 8.45 32.17 -10.60
N LEU A 873 8.50 32.69 -11.82
CA LEU A 873 9.29 33.88 -12.11
C LEU A 873 8.60 35.16 -11.65
N GLU A 874 7.26 35.21 -11.75
CA GLU A 874 6.55 36.38 -11.28
C GLU A 874 6.71 36.56 -9.77
N LYS A 875 6.70 35.47 -9.03
CA LYS A 875 6.89 35.52 -7.57
C LYS A 875 8.35 35.22 -7.24
N MET A 876 9.21 36.12 -7.70
CA MET A 876 10.65 36.04 -7.47
C MET A 876 11.12 37.31 -6.77
N VAL A 877 12.13 37.17 -5.92
CA VAL A 877 12.53 38.25 -5.03
C VAL A 877 13.27 39.33 -5.81
N ASN A 878 14.42 38.98 -6.40
CA ASN A 878 15.21 39.94 -7.16
C ASN A 878 14.68 40.01 -8.59
N ARG A 879 13.40 40.37 -8.69
CA ARG A 879 12.71 40.51 -9.95
C ARG A 879 12.78 41.92 -10.53
N GLU A 880 12.65 42.94 -9.69
CA GLU A 880 12.99 44.31 -10.07
C GLU A 880 14.37 44.72 -9.59
N ARG A 881 14.87 44.09 -8.53
CA ARG A 881 16.20 44.42 -8.02
C ARG A 881 17.28 44.10 -9.05
N GLU A 882 17.13 42.99 -9.76
CA GLU A 882 18.07 42.57 -10.80
C GLU A 882 17.28 42.29 -12.06
N PRO A 883 16.86 43.34 -12.78
CA PRO A 883 15.97 43.14 -13.93
C PRO A 883 16.59 42.32 -15.06
N LYS A 884 17.91 42.42 -15.28
CA LYS A 884 18.53 41.71 -16.38
C LYS A 884 18.38 40.20 -16.22
N LEU A 885 18.58 39.68 -15.01
CA LEU A 885 18.44 38.26 -14.78
C LEU A 885 16.99 37.79 -14.89
N TYR A 886 16.03 38.69 -14.71
CA TYR A 886 14.64 38.31 -14.93
C TYR A 886 14.39 38.01 -16.40
N GLU A 887 14.90 38.86 -17.29
CA GLU A 887 14.81 38.58 -18.73
C GLU A 887 15.82 37.54 -19.18
N ALA A 888 16.87 37.30 -18.40
CA ALA A 888 17.81 36.23 -18.74
C ALA A 888 17.21 34.86 -18.44
N LEU A 889 16.51 34.73 -17.31
CA LEU A 889 15.85 33.47 -16.98
C LEU A 889 14.58 33.25 -17.79
N LYS A 890 13.87 34.34 -18.14
CA LYS A 890 12.63 34.19 -18.90
C LYS A 890 12.90 33.72 -20.32
N ALA A 891 14.05 34.09 -20.89
CA ALA A 891 14.41 33.60 -22.22
C ALA A 891 14.56 32.10 -22.22
N ARG A 892 15.19 31.54 -21.18
CA ARG A 892 15.33 30.09 -21.10
C ARG A 892 13.99 29.40 -20.90
N LEU A 893 13.06 30.04 -20.20
CA LEU A 893 11.71 29.48 -20.09
C LEU A 893 11.03 29.42 -21.44
N GLU A 894 11.20 30.47 -22.25
CA GLU A 894 10.56 30.52 -23.57
C GLU A 894 11.28 29.66 -24.59
N ALA A 895 12.60 29.54 -24.49
CA ALA A 895 13.37 28.81 -25.48
C ALA A 895 12.99 27.33 -25.51
N HIS A 896 12.86 26.71 -24.33
CA HIS A 896 12.54 25.30 -24.23
C HIS A 896 11.08 25.04 -23.92
N LYS A 897 10.22 26.05 -24.10
CA LYS A 897 8.77 25.95 -23.92
C LYS A 897 8.45 25.52 -22.48
N ASP A 898 8.78 26.40 -21.54
CA ASP A 898 8.35 26.30 -20.14
C ASP A 898 8.73 24.95 -19.52
N ASP A 899 9.94 24.48 -19.81
CA ASP A 899 10.44 23.21 -19.27
C ASP A 899 11.72 23.48 -18.51
N PRO A 900 11.66 23.69 -17.18
CA PRO A 900 12.88 23.93 -16.41
C PRO A 900 13.86 22.77 -16.42
N ALA A 901 13.36 21.54 -16.54
CA ALA A 901 14.25 20.38 -16.52
C ALA A 901 15.22 20.40 -17.69
N LYS A 902 14.73 20.76 -18.88
CA LYS A 902 15.58 20.81 -20.06
C LYS A 902 16.23 22.17 -20.29
N ALA A 903 15.51 23.26 -20.01
CA ALA A 903 16.09 24.59 -20.20
C ALA A 903 17.28 24.83 -19.29
N PHE A 904 17.17 24.36 -18.03
CA PHE A 904 18.22 24.58 -17.04
C PHE A 904 19.04 23.32 -16.79
N ALA A 905 18.98 22.34 -17.69
CA ALA A 905 19.91 21.22 -17.61
C ALA A 905 21.35 21.70 -17.73
N GLU A 906 21.60 22.61 -18.67
CA GLU A 906 22.87 23.31 -18.71
C GLU A 906 22.91 24.36 -17.61
N PRO A 907 24.09 24.64 -17.05
CA PRO A 907 24.17 25.65 -15.99
C PRO A 907 23.80 27.04 -16.49
N PHE A 908 23.00 27.73 -15.68
CA PHE A 908 22.67 29.13 -15.91
C PHE A 908 23.66 30.02 -15.15
N TYR A 909 23.88 31.21 -15.67
CA TYR A 909 24.88 32.10 -15.08
C TYR A 909 24.37 33.53 -15.03
N LYS A 910 24.82 34.26 -14.02
CA LYS A 910 24.64 35.71 -13.99
C LYS A 910 25.63 36.36 -14.94
N TYR A 911 25.37 37.63 -15.26
CA TYR A 911 26.26 38.38 -16.13
C TYR A 911 26.45 39.78 -15.60
N ASP A 912 27.66 40.31 -15.79
CA ASP A 912 28.00 41.66 -15.37
C ASP A 912 27.25 42.67 -16.27
N LYS A 913 27.45 43.95 -15.99
CA LYS A 913 26.91 44.99 -16.87
C LYS A 913 27.36 44.76 -18.30
N ALA A 914 28.65 44.53 -18.49
CA ALA A 914 29.18 43.97 -19.74
C ALA A 914 29.45 42.51 -19.46
N GLY A 915 28.40 41.68 -19.55
CA GLY A 915 28.42 40.32 -19.08
C GLY A 915 29.61 39.48 -19.50
N ASN A 916 30.35 38.97 -18.52
CA ASN A 916 31.56 38.20 -18.79
C ASN A 916 31.64 36.98 -17.86
N ARG A 917 30.51 36.29 -17.67
CA ARG A 917 30.48 34.98 -17.00
C ARG A 917 31.05 35.05 -15.58
N THR A 918 30.33 35.77 -14.73
CA THR A 918 30.80 36.01 -13.36
C THR A 918 30.48 34.84 -12.42
N GLN A 919 29.21 34.54 -12.20
CA GLN A 919 28.82 33.50 -11.26
C GLN A 919 27.73 32.63 -11.89
N GLN A 920 27.28 31.63 -11.15
CA GLN A 920 26.33 30.64 -11.63
C GLN A 920 25.12 30.59 -10.72
N VAL A 921 23.94 30.50 -11.31
CA VAL A 921 22.69 30.34 -10.59
C VAL A 921 22.31 28.87 -10.60
N LYS A 922 22.11 28.31 -9.42
CA LYS A 922 21.61 26.94 -9.28
C LYS A 922 20.24 26.89 -8.64
N ALA A 923 19.99 27.73 -7.64
CA ALA A 923 18.66 27.89 -7.06
C ALA A 923 18.47 29.37 -6.74
N VAL A 924 17.23 29.83 -6.82
CA VAL A 924 16.91 31.23 -6.60
C VAL A 924 15.72 31.32 -5.66
N ARG A 925 15.62 32.44 -4.95
CA ARG A 925 14.55 32.64 -4.00
C ARG A 925 13.23 32.86 -4.72
N VAL A 926 12.14 32.38 -4.11
CA VAL A 926 10.80 32.47 -4.70
C VAL A 926 9.83 32.82 -3.58
N GLU A 927 9.30 34.03 -3.59
CA GLU A 927 8.28 34.40 -2.63
C GLU A 927 7.02 33.57 -2.86
N GLN A 928 6.38 33.17 -1.76
CA GLN A 928 5.10 32.48 -1.83
C GLN A 928 4.21 32.98 -0.70
N VAL A 929 2.92 33.17 -1.00
CA VAL A 929 1.99 33.67 0.00
C VAL A 929 1.85 32.66 1.12
N GLN A 930 1.89 33.16 2.36
CA GLN A 930 1.87 32.32 3.57
C GLN A 930 0.91 32.98 4.57
N LYS A 931 -0.33 32.52 4.59
CA LYS A 931 -1.30 33.07 5.53
C LYS A 931 -0.93 32.69 6.96
N THR A 932 -0.90 31.41 7.27
CA THR A 932 -0.54 30.92 8.58
C THR A 932 0.35 29.69 8.44
N GLY A 933 1.13 29.43 9.48
CA GLY A 933 2.01 28.28 9.47
C GLY A 933 2.51 27.97 10.86
N VAL A 934 3.33 26.93 10.94
CA VAL A 934 3.92 26.47 12.19
C VAL A 934 5.35 26.96 12.27
N TRP A 935 5.74 27.50 13.42
CA TRP A 935 7.10 27.98 13.60
C TRP A 935 8.00 26.81 13.98
N VAL A 936 9.04 26.58 13.18
CA VAL A 936 9.90 25.42 13.32
C VAL A 936 11.36 25.87 13.31
N ARG A 937 12.25 24.91 13.64
CA ARG A 937 13.69 25.13 13.66
C ARG A 937 14.06 26.27 14.63
N ASN A 938 13.51 26.20 15.84
CA ASN A 938 13.76 27.19 16.88
C ASN A 938 13.39 28.59 16.41
N HIS A 939 12.22 28.71 15.80
CA HIS A 939 11.68 29.98 15.33
C HIS A 939 12.61 30.64 14.31
N ASN A 940 13.22 29.83 13.46
CA ASN A 940 14.02 30.32 12.35
C ASN A 940 13.35 30.14 11.00
N GLY A 941 12.38 29.25 10.89
CA GLY A 941 11.65 29.05 9.66
C GLY A 941 10.22 28.65 9.97
N ILE A 942 9.36 28.81 8.96
CA ILE A 942 7.94 28.51 9.10
C ILE A 942 7.58 27.37 8.18
N ALA A 943 6.56 26.62 8.55
CA ALA A 943 6.08 25.47 7.81
C ALA A 943 4.59 25.64 7.51
N ASP A 944 3.97 24.58 7.01
CA ASP A 944 2.55 24.58 6.70
C ASP A 944 1.83 23.56 7.56
N ASN A 945 0.62 23.89 7.97
CA ASN A 945 -0.16 22.99 8.83
C ASN A 945 -0.40 21.67 8.14
N ALA A 946 -0.38 20.59 8.93
CA ALA A 946 -0.47 19.24 8.39
C ALA A 946 -1.89 18.72 8.31
N THR A 947 -2.54 18.57 9.46
CA THR A 947 -3.90 18.05 9.52
C THR A 947 -4.64 18.70 10.66
N MET A 948 -5.96 18.79 10.52
CA MET A 948 -6.82 19.20 11.62
C MET A 948 -7.17 17.97 12.44
N VAL A 949 -6.64 17.90 13.67
CA VAL A 949 -6.95 16.77 14.54
C VAL A 949 -8.30 16.91 15.22
N ARG A 950 -8.89 18.11 15.20
CA ARG A 950 -10.17 18.36 15.82
C ARG A 950 -10.70 19.70 15.34
N VAL A 951 -12.02 19.83 15.29
CA VAL A 951 -12.67 21.06 14.88
C VAL A 951 -13.86 21.29 15.81
N ASP A 952 -13.71 22.20 16.77
CA ASP A 952 -14.79 22.50 17.69
C ASP A 952 -15.81 23.44 17.02
N VAL A 953 -17.00 23.50 17.61
CA VAL A 953 -18.08 24.33 17.08
C VAL A 953 -18.61 25.22 18.20
N PHE A 954 -19.11 26.40 17.82
CA PHE A 954 -19.52 27.40 18.79
C PHE A 954 -20.74 28.17 18.31
N GLU A 955 -21.74 28.29 19.19
CA GLU A 955 -22.98 29.06 19.02
C GLU A 955 -22.83 30.53 19.41
N LYS A 956 -23.92 31.13 19.91
CA LYS A 956 -24.12 32.55 20.15
C LYS A 956 -24.41 33.29 18.85
N GLY A 957 -25.64 33.13 18.37
CA GLY A 957 -26.15 33.87 17.22
C GLY A 957 -26.81 32.94 16.24
N ASP A 958 -27.18 31.75 16.71
CA ASP A 958 -27.68 30.67 15.85
C ASP A 958 -26.68 30.36 14.74
N LYS A 959 -25.44 30.76 14.95
CA LYS A 959 -24.37 30.64 13.98
C LYS A 959 -23.28 29.76 14.57
N TYR A 960 -22.91 28.71 13.85
CA TYR A 960 -21.95 27.73 14.34
C TYR A 960 -20.56 28.13 13.87
N TYR A 961 -19.74 28.65 14.79
CA TYR A 961 -18.38 29.03 14.49
C TYR A 961 -17.45 27.85 14.74
N LEU A 962 -16.56 27.59 13.80
CA LEU A 962 -15.70 26.41 13.82
C LEU A 962 -14.27 26.82 14.16
N VAL A 963 -13.68 26.14 15.15
CA VAL A 963 -12.34 26.42 15.63
C VAL A 963 -11.44 25.26 15.20
N PRO A 964 -10.53 25.47 14.25
CA PRO A 964 -9.64 24.38 13.82
C PRO A 964 -8.51 24.18 14.82
N ILE A 965 -8.29 22.92 15.20
CA ILE A 965 -7.21 22.54 16.12
C ILE A 965 -6.27 21.61 15.36
N TYR A 966 -5.01 22.00 15.29
CA TYR A 966 -4.01 21.25 14.53
C TYR A 966 -3.12 20.44 15.48
N SER A 967 -2.39 19.49 14.89
CA SER A 967 -1.58 18.58 15.70
C SER A 967 -0.47 19.32 16.43
N TRP A 968 0.14 20.32 15.79
CA TRP A 968 1.20 21.08 16.44
C TRP A 968 0.66 21.84 17.66
N GLN A 969 -0.61 22.22 17.62
CA GLN A 969 -1.19 22.91 18.77
C GLN A 969 -1.44 21.94 19.93
N VAL A 970 -1.79 20.69 19.63
CA VAL A 970 -2.01 19.71 20.68
C VAL A 970 -0.71 19.36 21.38
N ALA A 971 0.39 19.29 20.63
CA ALA A 971 1.69 19.01 21.23
C ALA A 971 2.09 20.11 22.20
N LYS A 972 1.82 21.36 21.85
CA LYS A 972 2.17 22.49 22.71
C LYS A 972 1.14 22.74 23.80
N GLY A 973 0.04 21.98 23.82
CA GLY A 973 -1.00 22.21 24.80
C GLY A 973 -1.86 23.42 24.54
N ILE A 974 -1.69 24.07 23.38
CA ILE A 974 -2.43 25.29 23.07
C ILE A 974 -3.78 24.91 22.48
N LEU A 975 -4.86 25.38 23.11
CA LEU A 975 -6.18 25.23 22.56
C LEU A 975 -6.60 26.55 21.93
N PRO A 976 -6.89 26.59 20.63
CA PRO A 976 -7.21 27.86 19.98
C PRO A 976 -8.47 28.50 20.56
N ASP A 977 -8.49 29.83 20.52
CA ASP A 977 -9.64 30.62 20.94
C ASP A 977 -10.18 31.48 19.79
N ARG A 978 -9.88 31.12 18.55
CA ARG A 978 -10.28 31.90 17.39
C ARG A 978 -11.09 31.02 16.44
N ALA A 979 -12.26 31.50 16.06
CA ALA A 979 -13.10 30.80 15.10
C ALA A 979 -12.59 31.09 13.69
N VAL A 980 -13.37 30.74 12.67
CA VAL A 980 -12.99 30.96 11.28
C VAL A 980 -14.00 31.89 10.63
N VAL A 981 -13.50 32.90 9.93
CA VAL A 981 -14.31 33.81 9.13
C VAL A 981 -13.68 33.93 7.75
N GLN A 982 -14.53 33.99 6.73
CA GLN A 982 -14.06 33.97 5.36
C GLN A 982 -13.26 35.22 5.02
N GLY A 983 -12.21 35.05 4.23
CA GLY A 983 -11.42 36.17 3.74
C GLY A 983 -10.36 36.67 4.69
N LYS A 984 -10.77 37.13 5.87
CA LYS A 984 -9.82 37.67 6.83
C LYS A 984 -8.91 36.57 7.35
N ASP A 985 -7.70 36.96 7.74
CA ASP A 985 -6.69 36.01 8.19
C ASP A 985 -6.96 35.62 9.64
N GLU A 986 -6.04 34.85 10.23
CA GLU A 986 -6.22 34.40 11.60
C GLU A 986 -6.22 35.57 12.58
N GLU A 987 -5.38 36.57 12.34
CA GLU A 987 -5.31 37.72 13.24
C GLU A 987 -6.64 38.45 13.33
N ASP A 988 -7.45 38.39 12.28
CA ASP A 988 -8.77 39.01 12.26
C ASP A 988 -9.90 38.03 12.55
N TRP A 989 -9.57 36.78 12.86
CA TRP A 989 -10.60 35.79 13.13
C TRP A 989 -11.39 36.14 14.38
N GLN A 990 -12.62 35.65 14.43
CA GLN A 990 -13.49 35.87 15.58
C GLN A 990 -12.86 35.30 16.83
N LEU A 991 -12.96 36.03 17.95
CA LEU A 991 -12.36 35.62 19.21
C LEU A 991 -13.39 34.91 20.06
N ILE A 992 -12.99 33.79 20.65
CA ILE A 992 -13.89 32.96 21.46
C ILE A 992 -13.79 33.39 22.91
N ASP A 993 -14.94 33.59 23.54
CA ASP A 993 -15.00 33.92 24.96
C ASP A 993 -16.16 33.14 25.58
N ASP A 994 -16.54 33.53 26.80
CA ASP A 994 -17.62 32.82 27.49
C ASP A 994 -18.97 33.02 26.82
N SER A 995 -19.10 34.02 25.95
CA SER A 995 -20.35 34.26 25.25
C SER A 995 -20.65 33.22 24.18
N PHE A 996 -19.65 32.49 23.72
CA PHE A 996 -19.82 31.47 22.68
C PHE A 996 -20.15 30.15 23.35
N ASN A 997 -21.36 29.63 23.12
CA ASN A 997 -21.72 28.32 23.65
C ASN A 997 -20.93 27.23 22.94
N PHE A 998 -20.49 26.23 23.71
CA PHE A 998 -19.77 25.08 23.18
C PHE A 998 -20.74 23.92 23.01
N LYS A 999 -20.71 23.30 21.82
CA LYS A 999 -21.66 22.26 21.48
C LYS A 999 -20.99 20.88 21.40
N PHE A 1000 -19.97 20.73 20.57
CA PHE A 1000 -19.29 19.45 20.40
C PHE A 1000 -17.96 19.68 19.69
N SER A 1001 -17.27 18.59 19.37
CA SER A 1001 -15.99 18.64 18.67
C SER A 1001 -15.99 17.61 17.55
N LEU A 1002 -15.42 17.98 16.42
CA LEU A 1002 -15.46 17.14 15.23
C LEU A 1002 -14.09 16.55 14.96
N HIS A 1003 -14.07 15.25 14.68
CA HIS A 1003 -12.91 14.53 14.18
C HIS A 1003 -13.19 14.05 12.77
N PRO A 1004 -12.17 13.74 11.98
CA PRO A 1004 -12.40 13.13 10.68
C PRO A 1004 -13.15 11.81 10.79
N ASN A 1005 -13.97 11.53 9.78
CA ASN A 1005 -14.77 10.30 9.72
C ASN A 1005 -15.68 10.17 10.95
N ASP A 1006 -16.21 11.29 11.43
CA ASP A 1006 -17.10 11.31 12.58
C ASP A 1006 -18.45 11.84 12.13
N LEU A 1007 -19.50 11.08 12.40
CA LEU A 1007 -20.80 11.31 11.78
C LEU A 1007 -21.39 12.64 12.24
N VAL A 1008 -21.93 13.42 11.29
CA VAL A 1008 -22.54 14.76 11.57
C VAL A 1008 -23.80 14.94 10.71
N GLU A 1009 -24.70 15.86 11.07
CA GLU A 1009 -25.94 16.14 10.30
C GLU A 1009 -26.20 17.64 10.25
N VAL A 1010 -26.05 18.29 9.09
CA VAL A 1010 -26.35 19.74 8.93
C VAL A 1010 -27.75 19.89 8.33
N ILE A 1011 -28.71 20.41 9.09
CA ILE A 1011 -30.08 20.63 8.57
C ILE A 1011 -30.15 22.04 8.00
N THR A 1012 -29.52 22.29 6.87
CA THR A 1012 -29.66 23.61 6.22
C THR A 1012 -31.13 23.75 5.81
N LYS A 1013 -31.57 24.95 5.52
CA LYS A 1013 -32.98 25.20 5.15
C LYS A 1013 -33.33 24.48 3.85
N LYS A 1014 -32.50 24.60 2.83
CA LYS A 1014 -32.89 23.99 1.55
C LYS A 1014 -33.06 22.48 1.68
N ALA A 1015 -32.12 21.81 2.34
CA ALA A 1015 -32.18 20.35 2.44
C ALA A 1015 -31.36 19.90 3.63
N ARG A 1016 -31.61 18.66 4.05
CA ARG A 1016 -30.89 18.03 5.15
C ARG A 1016 -29.79 17.12 4.60
N MET A 1017 -28.62 17.17 5.23
CA MET A 1017 -27.45 16.45 4.75
C MET A 1017 -26.85 15.63 5.89
N PHE A 1018 -26.61 14.35 5.60
CA PHE A 1018 -26.21 13.37 6.60
C PHE A 1018 -24.99 12.63 6.11
N GLY A 1019 -24.05 12.36 7.00
CA GLY A 1019 -22.86 11.64 6.62
C GLY A 1019 -21.73 11.86 7.62
N TYR A 1020 -20.52 11.58 7.16
CA TYR A 1020 -19.33 11.62 8.00
C TYR A 1020 -18.48 12.83 7.62
N PHE A 1021 -18.20 13.69 8.60
CA PHE A 1021 -17.33 14.83 8.37
C PHE A 1021 -15.99 14.39 7.83
N ALA A 1022 -15.50 15.11 6.82
CA ALA A 1022 -14.24 14.77 6.17
C ALA A 1022 -13.17 15.84 6.37
N SER A 1023 -13.45 17.08 5.97
CA SER A 1023 -12.43 18.13 5.99
C SER A 1023 -13.14 19.47 6.03
N CYS A 1024 -12.34 20.55 6.14
CA CYS A 1024 -12.84 21.90 6.16
C CYS A 1024 -11.98 22.78 5.26
N HIS A 1025 -12.62 23.72 4.58
CA HIS A 1025 -11.91 24.79 3.89
C HIS A 1025 -11.48 25.81 4.93
N ARG A 1026 -10.18 25.89 5.21
CA ARG A 1026 -9.71 26.81 6.24
C ARG A 1026 -9.96 28.26 5.84
N GLY A 1027 -9.77 28.58 4.56
CA GLY A 1027 -10.03 29.92 4.07
C GLY A 1027 -11.48 30.20 3.75
N THR A 1028 -12.36 29.22 3.91
CA THR A 1028 -13.77 29.40 3.63
C THR A 1028 -14.69 28.89 4.73
N GLY A 1029 -14.23 28.00 5.59
CA GLY A 1029 -15.03 27.56 6.73
C GLY A 1029 -16.25 26.74 6.39
N ASN A 1030 -16.13 25.82 5.44
CA ASN A 1030 -17.21 24.89 5.11
C ASN A 1030 -16.70 23.46 5.25
N ILE A 1031 -17.52 22.60 5.85
CA ILE A 1031 -17.14 21.22 6.10
C ILE A 1031 -17.37 20.40 4.84
N ASN A 1032 -16.71 19.25 4.78
CA ASN A 1032 -16.92 18.27 3.73
C ASN A 1032 -17.54 17.02 4.35
N ILE A 1033 -18.68 16.59 3.80
CA ILE A 1033 -19.44 15.48 4.35
C ILE A 1033 -19.43 14.34 3.35
N ARG A 1034 -19.00 13.17 3.80
CA ARG A 1034 -19.05 11.95 3.01
C ARG A 1034 -20.37 11.23 3.27
N ILE A 1035 -21.12 10.95 2.22
CA ILE A 1035 -22.30 10.11 2.35
C ILE A 1035 -21.86 8.76 2.92
N HIS A 1036 -22.76 8.11 3.66
CA HIS A 1036 -22.40 6.90 4.39
C HIS A 1036 -21.91 5.81 3.43
N ASP A 1037 -22.63 5.60 2.33
CA ASP A 1037 -22.28 4.55 1.38
C ASP A 1037 -21.36 5.04 0.27
N LEU A 1038 -20.97 6.33 0.29
CA LEU A 1038 -20.17 6.92 -0.78
C LEU A 1038 -20.83 6.68 -2.13
N ASP A 1039 -22.15 6.88 -2.19
CA ASP A 1039 -22.90 6.69 -3.42
C ASP A 1039 -22.36 7.62 -4.49
N HIS A 1040 -22.06 7.07 -5.66
CA HIS A 1040 -21.41 7.83 -6.72
C HIS A 1040 -22.35 8.75 -7.47
N LYS A 1041 -23.65 8.66 -7.23
CA LYS A 1041 -24.63 9.55 -7.85
C LYS A 1041 -24.98 10.75 -6.98
N ILE A 1042 -24.34 10.88 -5.81
CA ILE A 1042 -24.60 11.99 -4.90
C ILE A 1042 -23.29 12.74 -4.68
N GLY A 1043 -23.29 14.03 -5.01
CA GLY A 1043 -22.12 14.84 -4.78
C GLY A 1043 -20.96 14.51 -5.70
N LYS A 1044 -19.77 14.95 -5.30
CA LYS A 1044 -18.55 14.72 -6.05
C LYS A 1044 -17.94 13.40 -5.61
N ASN A 1045 -18.24 12.34 -6.36
CA ASN A 1045 -17.73 10.99 -6.05
C ASN A 1045 -18.11 10.55 -4.64
N GLY A 1046 -19.33 10.90 -4.21
CA GLY A 1046 -19.86 10.44 -2.95
C GLY A 1046 -19.71 11.39 -1.78
N ILE A 1047 -19.09 12.54 -1.96
CA ILE A 1047 -18.90 13.50 -0.87
C ILE A 1047 -19.73 14.74 -1.16
N LEU A 1048 -20.11 15.43 -0.08
CA LEU A 1048 -20.87 16.67 -0.15
C LEU A 1048 -19.95 17.81 0.26
N GLU A 1049 -19.26 18.38 -0.70
CA GLU A 1049 -18.34 19.46 -0.41
C GLU A 1049 -19.08 20.79 -0.24
N GLY A 1050 -18.40 21.73 0.41
CA GLY A 1050 -18.93 23.08 0.56
C GLY A 1050 -20.23 23.20 1.31
N ILE A 1051 -20.32 22.55 2.47
CA ILE A 1051 -21.52 22.62 3.30
C ILE A 1051 -21.55 23.95 4.04
N GLY A 1052 -22.69 24.64 3.99
CA GLY A 1052 -22.83 25.90 4.68
C GLY A 1052 -23.25 25.72 6.12
N VAL A 1053 -22.28 25.78 7.03
CA VAL A 1053 -22.54 25.52 8.44
C VAL A 1053 -22.75 26.79 9.26
N LYS A 1054 -22.23 27.93 8.80
CA LYS A 1054 -22.30 29.15 9.61
C LYS A 1054 -23.73 29.57 9.88
N THR A 1055 -24.66 29.27 8.98
CA THR A 1055 -26.05 29.68 9.14
C THR A 1055 -27.01 28.48 9.14
N ALA A 1056 -26.49 27.28 9.34
CA ALA A 1056 -27.34 26.10 9.33
C ALA A 1056 -28.35 26.16 10.47
N LEU A 1057 -29.52 25.55 10.24
CA LEU A 1057 -30.56 25.54 11.26
C LEU A 1057 -30.12 24.77 12.49
N SER A 1058 -29.43 23.65 12.29
CA SER A 1058 -28.94 22.85 13.41
C SER A 1058 -27.76 22.02 12.96
N PHE A 1059 -26.59 22.28 13.52
CA PHE A 1059 -25.38 21.50 13.27
C PHE A 1059 -25.14 20.63 14.50
N GLN A 1060 -25.30 19.32 14.34
CA GLN A 1060 -25.07 18.39 15.44
C GLN A 1060 -24.48 17.11 14.87
N LYS A 1061 -23.81 16.36 15.75
CA LYS A 1061 -23.17 15.10 15.39
C LYS A 1061 -23.82 13.96 16.15
N TYR A 1062 -23.82 12.79 15.53
CA TYR A 1062 -24.46 11.61 16.08
C TYR A 1062 -23.39 10.57 16.43
N GLN A 1063 -23.84 9.43 16.93
CA GLN A 1063 -22.97 8.31 17.28
C GLN A 1063 -23.54 7.04 16.70
N ILE A 1064 -22.68 6.23 16.11
CA ILE A 1064 -23.08 5.03 15.39
C ILE A 1064 -22.37 3.82 15.99
N ASP A 1065 -23.13 2.76 16.23
CA ASP A 1065 -22.58 1.53 16.78
C ASP A 1065 -21.71 0.84 15.74
N GLU A 1066 -20.88 -0.11 16.21
CA GLU A 1066 -20.02 -0.84 15.28
C GLU A 1066 -20.81 -1.69 14.31
N LEU A 1067 -22.07 -2.00 14.61
CA LEU A 1067 -22.96 -2.68 13.68
C LEU A 1067 -23.67 -1.72 12.74
N GLY A 1068 -23.42 -0.42 12.84
CA GLY A 1068 -24.15 0.56 12.06
C GLY A 1068 -25.53 0.87 12.59
N LYS A 1069 -25.84 0.47 13.82
CA LYS A 1069 -27.13 0.71 14.43
C LYS A 1069 -26.99 1.71 15.57
N GLU A 1070 -28.08 1.93 16.29
CA GLU A 1070 -28.13 2.84 17.44
C GLU A 1070 -27.61 4.23 17.06
N ILE A 1071 -28.33 4.86 16.13
CA ILE A 1071 -28.00 6.21 15.68
C ILE A 1071 -28.66 7.20 16.62
N ARG A 1072 -27.83 8.00 17.30
CA ARG A 1072 -28.32 8.96 18.28
C ARG A 1072 -27.29 10.07 18.44
N PRO A 1073 -27.72 11.30 18.71
CA PRO A 1073 -26.76 12.39 18.89
C PRO A 1073 -25.94 12.22 20.17
N CYS A 1074 -24.73 12.76 20.14
CA CYS A 1074 -23.85 12.79 21.30
C CYS A 1074 -23.57 14.23 21.67
N ARG A 1075 -23.71 14.55 22.95
CA ARG A 1075 -23.57 15.91 23.45
C ARG A 1075 -22.42 15.97 24.44
N LEU A 1076 -21.46 16.85 24.18
CA LEU A 1076 -20.41 17.14 25.15
C LEU A 1076 -20.89 18.17 26.16
N LYS A 1077 -20.36 18.09 27.37
CA LYS A 1077 -20.72 19.02 28.43
C LYS A 1077 -19.74 20.18 28.51
N LYS A 1078 -18.44 19.90 28.49
CA LYS A 1078 -17.40 20.92 28.59
C LYS A 1078 -16.35 20.67 27.52
N ARG A 1079 -15.61 21.72 27.20
CA ARG A 1079 -14.59 21.61 26.16
C ARG A 1079 -13.50 20.65 26.61
N PRO A 1080 -13.12 19.68 25.78
CA PRO A 1080 -12.08 18.74 26.17
C PRO A 1080 -10.69 19.32 25.97
N PRO A 1081 -9.80 19.15 26.93
CA PRO A 1081 -8.43 19.66 26.76
C PRO A 1081 -7.69 18.95 25.65
N VAL A 1082 -6.78 19.70 25.01
CA VAL A 1082 -6.01 19.13 23.91
C VAL A 1082 -4.99 18.12 24.42
N ARG A 1083 -4.28 18.45 25.49
CA ARG A 1083 -3.24 17.58 26.02
C ARG A 1083 -3.84 16.44 26.84
N MET C 2 -19.50 26.78 -26.18
CA MET C 2 -20.22 27.88 -25.53
C MET C 2 -19.36 28.53 -24.44
N ASN C 3 -19.83 29.69 -23.94
CA ASN C 3 -18.97 30.59 -23.19
C ASN C 3 -18.55 30.05 -21.83
N ASN C 4 -19.39 29.26 -21.16
CA ASN C 4 -19.12 28.84 -19.79
C ASN C 4 -17.90 27.91 -19.78
N SER C 5 -16.81 28.39 -19.17
CA SER C 5 -15.56 27.63 -19.07
C SER C 5 -15.34 27.21 -17.62
N ILE C 6 -15.04 25.94 -17.42
CA ILE C 6 -14.84 25.39 -16.08
C ILE C 6 -13.35 25.46 -15.73
N LYS C 7 -13.06 25.98 -14.55
CA LYS C 7 -11.69 26.07 -14.03
C LYS C 7 -11.58 25.20 -12.77
N PHE C 8 -10.41 25.24 -12.15
CA PHE C 8 -10.15 24.44 -10.96
C PHE C 8 -9.12 25.16 -10.11
N HIS C 9 -9.54 25.65 -8.95
CA HIS C 9 -8.71 26.45 -8.05
C HIS C 9 -8.22 25.56 -6.90
N VAL C 10 -7.10 24.88 -7.12
CA VAL C 10 -6.53 24.05 -6.08
C VAL C 10 -5.93 24.94 -5.00
N SER C 11 -6.40 24.76 -3.76
CA SER C 11 -5.94 25.55 -2.64
C SER C 11 -5.67 24.65 -1.45
N TYR C 12 -4.59 24.92 -0.74
CA TYR C 12 -4.18 24.16 0.43
C TYR C 12 -4.21 25.06 1.66
N ASP C 13 -4.93 24.64 2.69
CA ASP C 13 -5.16 25.44 3.90
C ASP C 13 -5.77 26.79 3.57
N GLY C 14 -6.71 26.79 2.63
CA GLY C 14 -7.35 28.02 2.19
C GLY C 14 -6.47 28.94 1.39
N THR C 15 -5.19 28.64 1.23
CA THR C 15 -4.27 29.45 0.46
C THR C 15 -4.26 28.97 -0.98
N ALA C 16 -4.72 29.82 -1.90
CA ALA C 16 -4.75 29.46 -3.31
C ALA C 16 -3.33 29.24 -3.82
N ARG C 17 -3.14 28.14 -4.55
CA ARG C 17 -1.82 27.78 -5.05
C ARG C 17 -1.75 27.72 -6.56
N ALA C 18 -2.73 27.12 -7.22
CA ALA C 18 -2.67 26.92 -8.66
C ALA C 18 -4.05 27.14 -9.26
N LEU C 19 -4.14 26.95 -10.57
CA LEU C 19 -5.38 27.15 -11.32
C LEU C 19 -5.25 26.37 -12.62
N PHE C 20 -6.10 25.38 -12.83
CA PHE C 20 -5.97 24.46 -13.95
C PHE C 20 -7.23 24.51 -14.82
N ASN C 21 -7.27 23.62 -15.82
CA ASN C 21 -8.38 23.56 -16.75
C ASN C 21 -9.21 22.30 -16.65
N THR C 22 -8.62 21.18 -16.23
CA THR C 22 -9.35 19.95 -16.01
C THR C 22 -8.95 19.35 -14.67
N LYS C 23 -9.84 18.54 -14.11
CA LYS C 23 -9.63 17.98 -12.78
C LYS C 23 -8.43 17.04 -12.75
N GLU C 24 -8.08 16.45 -13.89
CA GLU C 24 -7.02 15.44 -13.90
C GLU C 24 -5.67 16.02 -13.48
N GLN C 25 -5.32 17.15 -14.07
CA GLN C 25 -4.06 17.82 -13.72
C GLN C 25 -4.20 18.42 -12.33
N ALA C 26 -5.41 18.81 -11.96
CA ALA C 26 -5.61 19.42 -10.65
C ALA C 26 -5.33 18.42 -9.54
N GLU C 27 -5.79 17.19 -9.71
CA GLU C 27 -5.52 16.15 -8.72
C GLU C 27 -4.09 15.63 -8.84
N LYS C 28 -3.56 15.57 -10.05
CA LYS C 28 -2.16 15.20 -10.23
C LYS C 28 -1.24 16.21 -9.56
N TYR C 29 -1.58 17.50 -9.65
CA TYR C 29 -0.76 18.54 -9.05
C TYR C 29 -0.68 18.39 -7.54
N CYS C 30 -1.78 17.94 -6.92
CA CYS C 30 -1.78 17.76 -5.48
C CYS C 30 -0.78 16.69 -5.06
N LEU C 31 -0.69 15.60 -5.82
CA LEU C 31 0.30 14.56 -5.52
C LEU C 31 1.71 15.11 -5.64
N VAL C 32 2.01 15.80 -6.74
CA VAL C 32 3.36 16.31 -6.99
C VAL C 32 3.79 17.24 -5.86
N GLU C 33 2.87 18.09 -5.41
CA GLU C 33 3.18 18.97 -4.27
C GLU C 33 3.45 18.16 -3.01
N GLU C 34 2.63 17.13 -2.76
CA GLU C 34 2.84 16.30 -1.58
C GLU C 34 4.14 15.51 -1.66
N ILE C 35 4.44 14.94 -2.82
CA ILE C 35 5.64 14.12 -2.96
C ILE C 35 6.89 14.99 -2.80
N ASN C 36 6.91 16.14 -3.46
CA ASN C 36 8.06 17.04 -3.33
C ASN C 36 8.22 17.53 -1.90
N ASP C 37 7.11 17.65 -1.16
CA ASP C 37 7.19 18.01 0.25
C ASP C 37 7.74 16.85 1.07
N GLU C 38 7.28 15.64 0.81
CA GLU C 38 7.80 14.47 1.52
C GLU C 38 9.30 14.29 1.28
N MET C 39 9.76 14.54 0.07
CA MET C 39 11.17 14.37 -0.28
C MET C 39 12.07 15.44 0.33
N ASN C 40 11.56 16.26 1.24
CA ASN C 40 12.37 17.27 1.91
C ASN C 40 12.87 16.83 3.26
N GLY C 41 12.63 15.57 3.65
CA GLY C 41 13.05 15.11 4.96
C GLY C 41 13.38 13.63 5.04
N TYR C 42 12.90 12.98 6.10
CA TYR C 42 13.27 11.60 6.36
C TYR C 42 12.73 10.63 5.32
N LYS C 43 11.70 11.03 4.57
CA LYS C 43 11.13 10.16 3.54
C LYS C 43 11.78 10.33 2.18
N ARG C 44 12.76 11.23 2.06
CA ARG C 44 13.45 11.39 0.78
C ARG C 44 14.27 10.15 0.45
N LYS C 45 14.89 9.54 1.46
CA LYS C 45 15.70 8.35 1.23
C LYS C 45 14.86 7.23 0.62
N SER C 46 13.67 6.99 1.17
CA SER C 46 12.81 5.95 0.64
C SER C 46 12.23 6.33 -0.73
N TRP C 47 11.95 7.61 -0.94
CA TRP C 47 11.33 8.06 -2.18
C TRP C 47 12.30 8.07 -3.36
N GLU C 48 13.61 8.00 -3.11
CA GLU C 48 14.55 8.02 -4.21
C GLU C 48 14.52 6.72 -5.01
N GLU C 49 14.42 5.57 -4.32
CA GLU C 49 14.34 4.32 -5.05
C GLU C 49 13.07 4.23 -5.87
N LYS C 50 11.93 4.65 -5.30
CA LYS C 50 10.68 4.58 -6.03
C LYS C 50 10.74 5.35 -7.34
N LEU C 51 11.54 6.41 -7.39
CA LEU C 51 11.76 7.12 -8.64
C LEU C 51 12.86 6.49 -9.49
N ARG C 52 13.60 5.53 -8.95
CA ARG C 52 14.75 4.95 -9.62
C ARG C 52 14.61 3.46 -9.89
N GLU C 53 14.09 2.68 -8.93
CA GLU C 53 13.96 1.24 -9.14
C GLU C 53 13.00 0.93 -10.27
N GLU C 54 12.05 1.82 -10.54
CA GLU C 54 11.13 1.69 -11.67
C GLU C 54 11.36 2.86 -12.63
N ASN C 55 11.11 2.61 -13.91
CA ASN C 55 11.38 3.60 -14.96
C ASN C 55 10.31 4.68 -14.93
N CYS C 56 10.28 5.40 -13.81
CA CYS C 56 9.35 6.51 -13.59
C CYS C 56 10.10 7.69 -12.98
N ALA C 57 11.23 8.05 -13.60
CA ALA C 57 12.06 9.13 -13.08
C ALA C 57 11.27 10.45 -13.05
N SER C 58 11.64 11.30 -12.09
CA SER C 58 10.97 12.58 -11.81
C SER C 58 9.60 12.35 -11.17
N VAL C 59 9.26 13.20 -10.20
CA VAL C 59 8.01 13.02 -9.47
C VAL C 59 6.81 13.18 -10.39
N GLN C 60 6.87 14.18 -11.30
CA GLN C 60 5.74 14.42 -12.20
C GLN C 60 5.44 13.20 -13.06
N ASP C 61 6.47 12.57 -13.61
CA ASP C 61 6.24 11.39 -14.45
C ASP C 61 5.75 10.21 -13.63
N TRP C 62 6.30 10.02 -12.42
CA TRP C 62 5.89 8.91 -11.57
C TRP C 62 4.42 9.03 -11.19
N VAL C 63 3.97 10.23 -10.85
CA VAL C 63 2.57 10.43 -10.50
C VAL C 63 1.68 10.25 -11.72
N GLU C 64 2.17 10.60 -12.90
CA GLU C 64 1.36 10.53 -14.11
C GLU C 64 0.80 9.14 -14.35
N LYS C 65 1.52 8.09 -13.93
CA LYS C 65 1.05 6.73 -14.07
C LYS C 65 0.61 6.09 -12.77
N ASN C 66 1.29 6.37 -11.67
CA ASN C 66 0.85 5.88 -10.36
C ASN C 66 -0.06 6.89 -9.67
N TYR C 67 -1.08 7.36 -10.37
CA TYR C 67 -1.98 8.34 -9.80
C TYR C 67 -2.92 7.68 -8.81
N THR C 68 -3.11 8.31 -7.65
CA THR C 68 -4.00 7.81 -6.61
C THR C 68 -4.92 8.94 -6.16
N SER C 69 -6.14 8.57 -5.79
CA SER C 69 -7.10 9.54 -5.28
C SER C 69 -6.75 10.03 -3.88
N SER C 70 -5.79 9.39 -3.21
CA SER C 70 -5.36 9.81 -1.87
C SER C 70 -4.28 10.88 -2.03
N TYR C 71 -4.73 12.09 -2.36
CA TYR C 71 -3.84 13.22 -2.58
C TYR C 71 -3.64 14.08 -1.34
N SER C 72 -3.71 13.45 -0.16
CA SER C 72 -3.59 14.13 1.13
C SER C 72 -4.77 15.06 1.37
N ASP C 73 -4.98 15.45 2.62
CA ASP C 73 -6.10 16.29 3.00
C ASP C 73 -5.64 17.75 3.01
N LEU C 74 -6.57 18.66 3.29
CA LEU C 74 -6.40 20.10 3.29
C LEU C 74 -6.21 20.66 1.88
N PHE C 75 -6.14 19.82 0.86
CA PHE C 75 -6.09 20.27 -0.53
C PHE C 75 -7.52 20.43 -1.02
N ASN C 76 -7.88 21.66 -1.40
CA ASN C 76 -9.23 21.99 -1.81
C ASN C 76 -9.24 22.28 -3.30
N ILE C 77 -10.11 21.61 -4.04
CA ILE C 77 -10.12 21.67 -5.49
C ILE C 77 -11.44 22.28 -5.96
N CYS C 78 -11.96 23.22 -5.18
CA CYS C 78 -13.22 23.91 -5.50
C CYS C 78 -13.31 24.23 -6.98
N GLU C 79 -14.39 23.76 -7.61
CA GLU C 79 -14.56 23.85 -9.06
C GLU C 79 -15.58 24.95 -9.36
N ILE C 80 -15.10 26.08 -9.86
CA ILE C 80 -15.97 27.14 -10.32
C ILE C 80 -15.93 27.13 -11.84
N GLU C 81 -16.95 27.74 -12.45
CA GLU C 81 -16.97 27.92 -13.89
C GLU C 81 -17.39 29.35 -14.20
N VAL C 82 -16.66 29.98 -15.12
CA VAL C 82 -16.87 31.37 -15.49
C VAL C 82 -17.01 31.45 -17.00
N SER C 83 -18.01 32.20 -17.46
CA SER C 83 -18.19 32.42 -18.88
C SER C 83 -17.09 33.33 -19.42
N SER C 84 -17.14 33.61 -20.73
CA SER C 84 -16.17 34.50 -21.35
C SER C 84 -16.30 35.95 -20.88
N ALA C 85 -17.41 36.29 -20.21
CA ALA C 85 -17.63 37.65 -19.74
C ALA C 85 -16.93 37.95 -18.41
N GLY C 86 -16.31 36.95 -17.79
CA GLY C 86 -15.64 37.15 -16.52
C GLY C 86 -16.54 37.14 -15.30
N GLN C 87 -17.81 36.75 -15.47
CA GLN C 87 -18.77 36.72 -14.36
C GLN C 87 -19.03 35.26 -14.00
N LEU C 88 -18.93 34.96 -12.71
CA LEU C 88 -19.07 33.58 -12.23
C LEU C 88 -20.53 33.17 -12.25
N VAL C 89 -20.80 31.98 -12.77
CA VAL C 89 -22.15 31.48 -12.98
C VAL C 89 -22.47 30.30 -12.08
N LYS C 90 -21.61 29.29 -12.04
CA LYS C 90 -21.87 28.08 -11.28
C LYS C 90 -20.60 27.65 -10.56
N ILE C 91 -20.79 27.12 -9.35
CA ILE C 91 -19.69 26.62 -8.52
C ILE C 91 -19.98 25.17 -8.17
N ASP C 92 -18.98 24.31 -8.37
CA ASP C 92 -19.13 22.87 -8.14
C ASP C 92 -20.27 22.33 -8.97
N ASN C 93 -21.44 22.18 -8.35
CA ASN C 93 -22.67 21.83 -9.06
C ASN C 93 -23.81 22.77 -8.69
N THR C 94 -23.48 23.97 -8.21
CA THR C 94 -24.45 24.91 -7.68
C THR C 94 -24.30 26.24 -8.39
N GLU C 95 -25.41 26.81 -8.84
CA GLU C 95 -25.39 28.09 -9.52
C GLU C 95 -25.01 29.22 -8.54
N VAL C 96 -24.53 30.32 -9.12
CA VAL C 96 -24.02 31.42 -8.29
C VAL C 96 -25.12 31.99 -7.40
N ASP C 97 -26.36 32.04 -7.91
CA ASP C 97 -27.47 32.49 -7.07
C ASP C 97 -27.75 31.48 -5.95
N ASP C 98 -27.66 30.19 -6.26
CA ASP C 98 -27.85 29.16 -5.25
C ASP C 98 -26.58 28.90 -4.44
N PHE C 99 -25.40 29.23 -4.98
CA PHE C 99 -24.16 29.05 -4.24
C PHE C 99 -24.14 29.92 -2.99
N VAL C 100 -24.44 31.21 -3.15
CA VAL C 100 -24.49 32.11 -2.00
C VAL C 100 -25.59 31.67 -1.04
N GLU C 101 -26.64 31.04 -1.56
CA GLU C 101 -27.66 30.48 -0.69
C GLU C 101 -27.16 29.24 0.04
N ASN C 102 -26.15 28.57 -0.49
CA ASN C 102 -25.60 27.35 0.09
C ASN C 102 -24.35 27.59 0.92
N CYS C 103 -23.30 28.16 0.32
CA CYS C 103 -22.03 28.35 1.01
C CYS C 103 -22.00 29.59 1.87
N TYR C 104 -22.83 30.59 1.56
CA TYR C 104 -22.92 31.78 2.40
C TYR C 104 -24.19 31.82 3.24
N GLY C 105 -25.21 31.05 2.85
CA GLY C 105 -26.34 30.80 3.74
C GLY C 105 -27.44 31.83 3.75
N PHE C 106 -27.69 32.51 2.62
CA PHE C 106 -28.83 33.40 2.53
C PHE C 106 -29.26 33.53 1.07
N THR C 107 -30.57 33.61 0.86
CA THR C 107 -31.13 33.64 -0.49
C THR C 107 -31.02 35.04 -1.08
N LEU C 108 -31.47 35.17 -2.33
CA LEU C 108 -31.43 36.47 -3.01
C LEU C 108 -32.45 37.44 -2.41
N GLU C 109 -33.56 36.91 -1.89
CA GLU C 109 -34.61 37.75 -1.33
C GLU C 109 -34.25 38.31 0.05
N ASP C 110 -33.14 37.86 0.64
CA ASP C 110 -32.76 38.35 1.97
C ASP C 110 -32.19 39.75 1.90
N ASP C 111 -31.10 39.94 1.15
CA ASP C 111 -30.47 41.25 1.03
C ASP C 111 -29.73 41.32 -0.30
N LEU C 112 -30.29 42.06 -1.25
CA LEU C 112 -29.67 42.16 -2.57
C LEU C 112 -28.37 42.95 -2.52
N GLU C 113 -28.39 44.09 -1.81
CA GLU C 113 -27.20 44.93 -1.75
C GLU C 113 -26.07 44.26 -0.97
N GLU C 114 -26.40 43.28 -0.12
CA GLU C 114 -25.35 42.53 0.56
C GLU C 114 -24.57 41.67 -0.42
N PHE C 115 -25.20 41.23 -1.50
CA PHE C 115 -24.47 40.50 -2.54
C PHE C 115 -23.41 41.38 -3.19
N ASN C 116 -23.73 42.66 -3.42
CA ASN C 116 -22.72 43.59 -3.89
C ASN C 116 -21.56 43.71 -2.89
N LYS C 117 -21.79 43.35 -1.63
CA LYS C 117 -20.72 43.28 -0.66
C LYS C 117 -20.22 41.85 -0.43
N ALA C 118 -21.02 40.84 -0.82
CA ALA C 118 -20.64 39.44 -0.65
C ALA C 118 -20.48 38.70 -1.98
N LYS C 119 -21.49 38.72 -2.85
CA LYS C 119 -21.36 38.08 -4.15
C LYS C 119 -20.31 38.79 -5.00
N GLN C 120 -20.37 40.12 -5.04
CA GLN C 120 -19.32 40.88 -5.73
C GLN C 120 -17.98 40.71 -5.03
N TYR C 121 -17.99 40.41 -3.74
CA TYR C 121 -16.75 40.17 -3.02
C TYR C 121 -16.02 38.96 -3.59
N LEU C 122 -16.76 37.90 -3.91
CA LEU C 122 -16.14 36.73 -4.52
C LEU C 122 -15.54 37.06 -5.89
N GLN C 123 -16.18 37.94 -6.66
CA GLN C 123 -15.71 38.25 -8.00
C GLN C 123 -14.30 38.84 -7.97
N LYS C 124 -14.06 39.80 -7.07
CA LYS C 124 -12.71 40.34 -6.94
C LYS C 124 -11.78 39.37 -6.22
N PHE C 125 -12.33 38.53 -5.36
CA PHE C 125 -11.51 37.50 -4.71
C PHE C 125 -10.95 36.53 -5.74
N TYR C 126 -11.79 36.05 -6.65
CA TYR C 126 -11.33 35.21 -7.75
C TYR C 126 -10.74 36.00 -8.91
N ALA C 127 -10.94 37.32 -8.95
CA ALA C 127 -10.22 38.13 -9.92
C ALA C 127 -8.72 38.09 -9.63
N GLU C 128 -8.35 38.18 -8.36
CA GLU C 128 -6.95 38.01 -7.98
C GLU C 128 -6.51 36.57 -8.13
N CYS C 129 -7.42 35.62 -7.89
CA CYS C 129 -7.10 34.21 -8.06
C CYS C 129 -6.83 33.87 -9.51
N GLU C 130 -7.60 34.47 -10.43
CA GLU C 130 -7.49 34.15 -11.86
C GLU C 130 -6.33 34.94 -12.47
N ASN C 131 -5.13 34.63 -12.03
CA ASN C 131 -3.92 35.16 -12.65
C ASN C 131 -2.92 34.05 -12.89
#